data_4RYB
#
_entry.id   4RYB
#
_cell.length_a   66.290
_cell.length_b   96.360
_cell.length_c   193.020
_cell.angle_alpha   90.00
_cell.angle_beta   90.00
_cell.angle_gamma   90.00
#
_symmetry.space_group_name_H-M   'C 2 2 21'
#
loop_
_entity.id
_entity.type
_entity.pdbx_description
1 polymer '3-oxoacyl-[acyl-carrier-protein] synthase 3'
2 non-polymer GLYCEROL
3 water water
#
_entity_poly.entity_id   1
_entity_poly.type   'polypeptide(L)'
_entity_poly.pdbx_seq_one_letter_code
;MQYAKISGTGSYLPANRVSNDDLAQKVDTSDEWITARTGIKFRHIAAENEKTSDLAAEAARRALDAAGLDSGEIDLIIVA
TATPDMQFPSTATIVQQKLGITNGCPAFDVQAV(CSD)AGFMYALTTANAYIKSGMAKNALVIGAETFSRIVDWNDRTTC
VLFGDGAGAVVLSAADKPGIIHSKLKADGNYLKLLNVPGQIACGKVSGSPYISMDGPGVFKFAVKMLSKIADDVIEEAGY
TAAQIDWIVPHQANRRIIESTAKHLGLSMDKVVLTVQDHGNTSAASIPLALDTGIRSGQIKRGQNLLLEGIGGGFAWGAV
LLQY
;
_entity_poly.pdbx_strand_id   A,B
#
loop_
_chem_comp.id
_chem_comp.type
_chem_comp.name
_chem_comp.formula
GOL non-polymer GLYCEROL 'C3 H8 O3'
#
# COMPACT_ATOMS: atom_id res chain seq x y z
N GLN A 2 -10.34 9.40 19.87
CA GLN A 2 -9.04 10.02 19.66
C GLN A 2 -9.01 10.90 18.41
N TYR A 3 -7.96 11.68 18.28
CA TYR A 3 -7.76 12.55 17.12
C TYR A 3 -6.30 12.52 16.67
N ALA A 4 -6.07 12.89 15.42
CA ALA A 4 -4.72 12.90 14.85
C ALA A 4 -4.34 14.32 14.45
N LYS A 5 -3.21 14.80 14.96
CA LYS A 5 -2.76 16.16 14.68
C LYS A 5 -1.33 16.18 14.12
N ILE A 6 -1.06 17.14 13.26
CA ILE A 6 0.27 17.32 12.66
C ILE A 6 1.28 17.81 13.69
N SER A 7 2.25 16.96 14.04
CA SER A 7 3.27 17.35 15.01
C SER A 7 4.42 18.09 14.33
N GLY A 8 4.77 17.66 13.11
CA GLY A 8 5.81 18.30 12.35
C GLY A 8 5.76 17.91 10.89
N THR A 9 6.43 18.69 10.05
CA THR A 9 6.48 18.42 8.62
C THR A 9 7.91 18.64 8.14
N GLY A 10 8.22 18.05 6.98
CA GLY A 10 9.54 18.16 6.40
C GLY A 10 9.49 17.79 4.94
N SER A 11 10.51 18.19 4.19
CA SER A 11 10.56 17.89 2.77
C SER A 11 11.98 17.91 2.23
N TYR A 12 12.17 17.21 1.12
CA TYR A 12 13.46 17.13 0.46
C TYR A 12 13.27 17.13 -1.04
N LEU A 13 14.05 17.97 -1.71
CA LEU A 13 14.08 18.03 -3.16
C LEU A 13 15.50 17.77 -3.64
N PRO A 14 15.68 16.86 -4.61
CA PRO A 14 17.04 16.57 -5.06
C PRO A 14 17.76 17.80 -5.60
N ALA A 15 19.06 17.81 -5.45
CA ALA A 15 19.90 18.93 -5.80
C ALA A 15 19.75 19.50 -7.20
N ASN A 16 19.58 18.64 -8.16
CA ASN A 16 19.46 19.05 -9.55
C ASN A 16 18.12 19.70 -9.85
N ARG A 17 18.10 21.03 -9.86
CA ARG A 17 16.88 21.78 -10.16
C ARG A 17 16.91 22.11 -11.65
N VAL A 18 15.86 21.69 -12.36
CA VAL A 18 15.83 21.79 -13.82
C VAL A 18 14.73 22.73 -14.30
N SER A 19 15.13 23.79 -14.98
CA SER A 19 14.20 24.76 -15.55
C SER A 19 13.66 24.27 -16.88
N ASN A 20 12.63 24.94 -17.38
CA ASN A 20 12.06 24.59 -18.68
C ASN A 20 13.07 24.78 -19.81
N ASP A 21 13.89 25.82 -19.71
CA ASP A 21 14.92 26.11 -20.71
C ASP A 21 16.00 25.08 -20.74
N ASP A 22 16.36 24.59 -19.59
CA ASP A 22 17.37 23.54 -19.52
C ASP A 22 16.85 22.29 -20.21
N LEU A 23 15.59 21.97 -19.96
CA LEU A 23 14.97 20.80 -20.56
C LEU A 23 14.71 21.02 -22.06
N ALA A 24 14.58 22.28 -22.45
CA ALA A 24 14.35 22.64 -23.85
C ALA A 24 15.50 22.18 -24.74
N GLN A 25 16.65 21.93 -24.14
CA GLN A 25 17.80 21.44 -24.89
C GLN A 25 17.61 19.98 -25.32
N LYS A 26 17.07 19.17 -24.41
CA LYS A 26 16.95 17.73 -24.66
C LYS A 26 15.66 17.36 -25.38
N VAL A 27 14.65 18.21 -25.31
CA VAL A 27 13.34 17.90 -25.89
C VAL A 27 12.72 19.10 -26.59
N ASP A 28 11.91 18.81 -27.60
CA ASP A 28 11.26 19.84 -28.41
C ASP A 28 10.09 20.47 -27.65
N THR A 29 10.41 21.40 -26.75
CA THR A 29 9.38 22.11 -25.99
C THR A 29 9.79 23.55 -25.79
N SER A 30 8.91 24.34 -25.18
CA SER A 30 9.18 25.74 -24.90
C SER A 30 8.82 26.08 -23.46
N ASP A 31 9.54 27.02 -22.87
CA ASP A 31 9.25 27.48 -21.52
C ASP A 31 7.86 28.11 -21.47
N GLU A 32 7.53 28.91 -22.47
CA GLU A 32 6.24 29.59 -22.53
C GLU A 32 5.09 28.60 -22.70
N TRP A 33 5.29 27.58 -23.51
CA TRP A 33 4.28 26.57 -23.77
C TRP A 33 3.96 25.74 -22.53
N ILE A 34 5.00 25.29 -21.84
CA ILE A 34 4.83 24.51 -20.61
C ILE A 34 4.11 25.33 -19.52
N THR A 35 4.53 26.57 -19.35
CA THR A 35 3.95 27.44 -18.34
C THR A 35 2.46 27.72 -18.60
N ALA A 36 2.11 27.94 -19.86
CA ALA A 36 0.73 28.22 -20.24
C ALA A 36 -0.18 27.04 -19.93
N ARG A 37 0.33 25.84 -20.20
CA ARG A 37 -0.40 24.61 -19.98
C ARG A 37 -0.57 24.25 -18.50
N THR A 38 0.50 24.39 -17.72
CA THR A 38 0.56 23.78 -16.39
C THR A 38 0.98 24.77 -15.30
N GLY A 39 1.68 25.82 -15.68
CA GLY A 39 2.21 26.77 -14.73
C GLY A 39 3.53 26.31 -14.13
N ILE A 40 4.09 25.25 -14.70
CA ILE A 40 5.36 24.69 -14.23
C ILE A 40 6.55 25.44 -14.84
N LYS A 41 7.51 25.80 -13.99
CA LYS A 41 8.73 26.47 -14.43
C LYS A 41 9.98 25.65 -14.11
N PHE A 42 9.91 24.86 -13.04
CA PHE A 42 11.05 24.10 -12.57
C PHE A 42 10.69 22.69 -12.13
N ARG A 43 11.70 21.82 -12.14
CA ARG A 43 11.57 20.46 -11.63
C ARG A 43 12.79 20.13 -10.79
N HIS A 44 12.69 19.05 -10.03
CA HIS A 44 13.85 18.47 -9.37
C HIS A 44 13.98 17.02 -9.81
N ILE A 45 15.18 16.62 -10.19
CA ILE A 45 15.45 15.25 -10.63
C ILE A 45 16.45 14.59 -9.70
N ALA A 46 16.13 13.39 -9.24
CA ALA A 46 16.99 12.65 -8.33
C ALA A 46 18.36 12.37 -8.95
N ALA A 47 19.37 12.31 -8.09
CA ALA A 47 20.72 11.95 -8.53
C ALA A 47 20.76 10.47 -8.87
N GLU A 48 21.85 10.04 -9.50
CA GLU A 48 21.97 8.66 -9.97
C GLU A 48 21.93 7.67 -8.81
N ASN A 49 22.53 8.05 -7.68
CA ASN A 49 22.72 7.13 -6.57
C ASN A 49 21.58 7.11 -5.56
N GLU A 50 20.69 8.09 -5.63
CA GLU A 50 19.56 8.16 -4.69
C GLU A 50 18.27 7.67 -5.33
N LYS A 51 17.44 7.02 -4.51
CA LYS A 51 16.16 6.48 -4.94
C LYS A 51 15.07 7.00 -4.00
N THR A 52 13.85 6.51 -4.17
CA THR A 52 12.71 7.04 -3.42
C THR A 52 12.94 6.98 -1.91
N SER A 53 13.55 5.90 -1.45
CA SER A 53 13.83 5.71 -0.03
C SER A 53 14.77 6.78 0.50
N ASP A 54 15.72 7.19 -0.35
CA ASP A 54 16.68 8.24 0.04
C ASP A 54 15.96 9.57 0.18
N LEU A 55 15.16 9.93 -0.82
CA LEU A 55 14.35 11.14 -0.77
C LEU A 55 13.41 11.11 0.42
N ALA A 56 12.77 9.96 0.64
CA ALA A 56 11.78 9.80 1.69
C ALA A 56 12.42 9.92 3.08
N ALA A 57 13.59 9.33 3.23
CA ALA A 57 14.28 9.32 4.51
C ALA A 57 14.64 10.74 4.95
N GLU A 58 15.17 11.53 4.03
CA GLU A 58 15.59 12.89 4.34
C GLU A 58 14.41 13.76 4.75
N ALA A 59 13.30 13.64 4.02
CA ALA A 59 12.09 14.37 4.34
C ALA A 59 11.60 13.99 5.73
N ALA A 60 11.71 12.72 6.06
CA ALA A 60 11.26 12.21 7.35
C ALA A 60 12.16 12.71 8.48
N ARG A 61 13.43 12.75 8.19
CA ARG A 61 14.40 13.24 9.12
C ARG A 61 14.04 14.67 9.49
N ARG A 62 13.73 15.48 8.51
CA ARG A 62 13.36 16.87 8.70
C ARG A 62 12.01 17.00 9.38
N ALA A 63 11.10 16.07 9.10
CA ALA A 63 9.79 16.05 9.75
C ALA A 63 9.93 15.66 11.21
N LEU A 64 10.85 14.74 11.50
CA LEU A 64 11.10 14.31 12.87
C LEU A 64 11.70 15.45 13.70
N ASP A 65 12.64 16.17 13.11
CA ASP A 65 13.25 17.31 13.78
C ASP A 65 12.21 18.40 14.03
N ALA A 66 11.34 18.63 13.04
CA ALA A 66 10.33 19.67 13.13
C ALA A 66 9.32 19.38 14.24
N ALA A 67 9.17 18.11 14.58
CA ALA A 67 8.23 17.68 15.62
C ALA A 67 8.92 17.43 16.95
N GLY A 68 10.25 17.58 16.96
CA GLY A 68 11.03 17.34 18.17
C GLY A 68 10.89 15.92 18.68
N LEU A 69 10.83 14.96 17.75
CA LEU A 69 10.64 13.55 18.10
C LEU A 69 11.86 12.71 17.75
N ASP A 70 12.15 11.74 18.60
CA ASP A 70 13.17 10.74 18.34
C ASP A 70 12.61 9.66 17.41
N SER A 71 13.49 9.01 16.66
CA SER A 71 13.08 7.96 15.73
C SER A 71 12.37 6.81 16.43
N GLY A 72 12.83 6.48 17.64
CA GLY A 72 12.27 5.39 18.41
C GLY A 72 10.85 5.64 18.90
N GLU A 73 10.41 6.89 18.82
CA GLU A 73 9.06 7.26 19.26
C GLU A 73 8.01 6.94 18.20
N ILE A 74 8.46 6.68 16.97
CA ILE A 74 7.55 6.37 15.87
C ILE A 74 7.07 4.93 15.99
N ASP A 75 5.75 4.75 15.95
CA ASP A 75 5.14 3.42 16.03
C ASP A 75 4.33 3.08 14.78
N LEU A 76 4.54 3.85 13.70
CA LEU A 76 3.89 3.56 12.43
C LEU A 76 4.57 4.30 11.28
N ILE A 77 4.85 3.57 10.21
CA ILE A 77 5.44 4.16 9.01
C ILE A 77 4.63 3.79 7.78
N ILE A 78 4.15 4.81 7.07
CA ILE A 78 3.45 4.62 5.81
C ILE A 78 4.08 5.49 4.73
N VAL A 79 4.54 4.84 3.66
CA VAL A 79 5.08 5.55 2.51
C VAL A 79 4.12 5.43 1.33
N ALA A 80 3.71 6.57 0.79
CA ALA A 80 2.93 6.58 -0.44
C ALA A 80 3.87 6.84 -1.61
N THR A 81 3.96 5.87 -2.52
CA THR A 81 4.85 6.00 -3.67
C THR A 81 4.36 5.14 -4.83
N ALA A 82 4.61 5.60 -6.05
CA ALA A 82 4.31 4.85 -7.27
C ALA A 82 5.61 4.43 -7.94
N THR A 83 6.72 4.63 -7.24
CA THR A 83 8.04 4.29 -7.75
C THR A 83 8.88 3.70 -6.62
N PRO A 84 8.49 2.52 -6.13
CA PRO A 84 9.23 1.88 -5.04
C PRO A 84 10.67 1.52 -5.42
N ASP A 85 11.55 1.44 -4.43
CA ASP A 85 12.93 1.04 -4.64
C ASP A 85 13.02 -0.31 -5.32
N MET A 86 12.18 -1.25 -4.87
CA MET A 86 12.23 -2.62 -5.34
C MET A 86 10.83 -3.16 -5.62
N GLN A 87 10.77 -4.29 -6.33
CA GLN A 87 9.53 -5.01 -6.48
C GLN A 87 8.99 -5.34 -5.09
N PHE A 88 9.88 -5.89 -4.27
CA PHE A 88 9.65 -5.99 -2.83
C PHE A 88 11.01 -6.27 -2.18
N PRO A 89 11.12 -6.05 -0.85
CA PRO A 89 10.08 -5.61 0.08
C PRO A 89 9.73 -4.14 0.00
N SER A 90 8.91 -3.70 0.96
CA SER A 90 8.37 -2.35 0.98
C SER A 90 9.43 -1.25 1.07
N THR A 91 9.16 -0.13 0.41
CA THR A 91 10.01 1.05 0.51
C THR A 91 9.98 1.60 1.94
N ALA A 92 8.84 1.41 2.61
CA ALA A 92 8.68 1.89 3.98
C ALA A 92 9.67 1.21 4.92
N THR A 93 9.88 -0.09 4.73
CA THR A 93 10.84 -0.83 5.54
C THR A 93 12.26 -0.36 5.26
N ILE A 94 12.54 -0.04 4.00
CA ILE A 94 13.85 0.49 3.62
C ILE A 94 14.08 1.85 4.26
N VAL A 95 13.07 2.70 4.23
CA VAL A 95 13.14 4.02 4.87
C VAL A 95 13.35 3.83 6.37
N GLN A 96 12.60 2.91 6.95
CA GLN A 96 12.69 2.58 8.36
C GLN A 96 14.12 2.23 8.74
N GLN A 97 14.75 1.39 7.92
CA GLN A 97 16.11 0.96 8.16
C GLN A 97 17.07 2.16 8.10
N LYS A 98 16.87 3.02 7.11
CA LYS A 98 17.76 4.16 6.90
C LYS A 98 17.59 5.23 7.98
N LEU A 99 16.40 5.28 8.59
CA LEU A 99 16.15 6.20 9.70
C LEU A 99 16.72 5.65 11.01
N GLY A 100 17.25 4.43 10.95
CA GLY A 100 17.80 3.79 12.13
C GLY A 100 16.72 3.37 13.12
N ILE A 101 15.51 3.12 12.61
CA ILE A 101 14.42 2.66 13.44
C ILE A 101 14.46 1.15 13.58
N THR A 102 14.77 0.69 14.80
CA THR A 102 14.86 -0.74 15.09
C THR A 102 13.90 -1.13 16.20
N ASN A 103 12.91 -0.28 16.47
CA ASN A 103 11.92 -0.54 17.51
C ASN A 103 10.85 -1.53 17.04
N GLY A 104 10.98 -1.99 15.80
CA GLY A 104 10.10 -2.99 15.25
C GLY A 104 8.72 -2.49 14.86
N CYS A 105 8.57 -1.19 14.67
CA CYS A 105 7.26 -0.62 14.35
C CYS A 105 6.79 -1.07 12.96
N PRO A 106 5.47 -1.20 12.77
CA PRO A 106 4.95 -1.61 11.45
C PRO A 106 5.27 -0.59 10.37
N ALA A 107 5.60 -1.09 9.17
CA ALA A 107 5.92 -0.23 8.05
C ALA A 107 5.46 -0.86 6.74
N PHE A 108 4.79 -0.07 5.91
CA PHE A 108 4.30 -0.56 4.63
C PHE A 108 4.01 0.57 3.65
N ASP A 109 3.95 0.24 2.37
CA ASP A 109 3.65 1.23 1.34
C ASP A 109 2.16 1.23 1.00
N VAL A 110 1.67 2.40 0.60
CA VAL A 110 0.32 2.53 0.06
C VAL A 110 0.42 3.02 -1.39
N GLN A 111 -0.37 2.41 -2.26
CA GLN A 111 -0.39 2.78 -3.65
C GLN A 111 -1.73 3.37 -4.07
N ALA A 112 -1.76 4.69 -4.23
CA ALA A 112 -2.92 5.42 -4.69
C ALA A 112 -2.48 6.48 -5.70
N VAL A 113 -1.25 6.35 -6.18
CA VAL A 113 -0.64 7.28 -7.12
C VAL A 113 -0.57 8.71 -6.59
N CSD A 114 -0.96 9.68 -7.42
CA CSD A 114 -0.86 11.09 -7.05
CB CSD A 114 -1.27 12.04 -8.18
SG CSD A 114 -0.83 11.59 -9.76
C CSD A 114 -1.66 11.37 -5.83
O CSD A 114 -1.35 12.32 -5.11
OD1 CSD A 114 0.60 11.47 -9.93
OD2 CSD A 114 -1.05 13.06 -10.51
HA CSD A 114 0.19 11.30 -6.80
HB2 CSD A 114 -0.82 13.02 -7.96
HB3 CSD A 114 -2.35 12.18 -8.14
HD2 CSD A 114 -0.92 13.14 -11.46
N ALA A 115 -2.70 10.58 -5.57
CA ALA A 115 -3.56 10.77 -4.42
C ALA A 115 -3.10 9.97 -3.21
N GLY A 116 -1.93 9.35 -3.31
CA GLY A 116 -1.40 8.51 -2.26
C GLY A 116 -1.18 9.11 -0.90
N PHE A 117 -0.71 10.34 -0.82
CA PHE A 117 -0.49 10.92 0.51
C PHE A 117 -1.78 11.05 1.29
N MET A 118 -2.85 11.46 0.61
CA MET A 118 -4.16 11.58 1.26
C MET A 118 -4.66 10.21 1.69
N TYR A 119 -4.37 9.20 0.88
CA TYR A 119 -4.71 7.83 1.20
C TYR A 119 -3.88 7.32 2.38
N ALA A 120 -2.60 7.69 2.39
CA ALA A 120 -1.71 7.28 3.48
C ALA A 120 -2.02 8.06 4.75
N LEU A 121 -2.33 9.35 4.60
CA LEU A 121 -2.64 10.20 5.74
C LEU A 121 -3.94 9.77 6.42
N THR A 122 -4.95 9.48 5.60
CA THR A 122 -6.23 9.00 6.11
C THR A 122 -6.06 7.65 6.81
N THR A 123 -5.17 6.82 6.29
CA THR A 123 -4.91 5.51 6.88
C THR A 123 -4.28 5.67 8.26
N ALA A 124 -3.27 6.53 8.34
CA ALA A 124 -2.60 6.79 9.61
C ALA A 124 -3.59 7.36 10.61
N ASN A 125 -4.49 8.22 10.12
CA ASN A 125 -5.53 8.80 10.94
C ASN A 125 -6.44 7.73 11.54
N ALA A 126 -6.76 6.71 10.74
CA ALA A 126 -7.60 5.61 11.20
C ALA A 126 -6.90 4.81 12.31
N TYR A 127 -5.61 4.59 12.15
CA TYR A 127 -4.83 3.88 13.16
C TYR A 127 -4.81 4.64 14.48
N ILE A 128 -4.63 5.97 14.40
CA ILE A 128 -4.54 6.80 15.60
C ILE A 128 -5.89 6.91 16.30
N LYS A 129 -6.96 7.05 15.53
CA LYS A 129 -8.29 7.20 16.11
C LYS A 129 -8.74 5.92 16.80
N SER A 130 -8.33 4.78 16.25
CA SER A 130 -8.66 3.49 16.83
C SER A 130 -7.62 3.05 17.87
N GLY A 131 -6.67 3.92 18.16
CA GLY A 131 -5.69 3.68 19.21
C GLY A 131 -4.61 2.67 18.86
N MET A 132 -4.43 2.38 17.58
CA MET A 132 -3.42 1.41 17.16
C MET A 132 -2.03 2.04 17.04
N ALA A 133 -1.97 3.37 17.09
CA ALA A 133 -0.70 4.08 16.99
C ALA A 133 -0.80 5.47 17.63
N LYS A 134 0.34 5.99 18.08
CA LYS A 134 0.39 7.29 18.75
C LYS A 134 1.21 8.32 17.96
N ASN A 135 2.26 7.86 17.29
CA ASN A 135 3.10 8.73 16.47
C ASN A 135 3.45 8.09 15.13
N ALA A 136 2.72 8.47 14.09
CA ALA A 136 2.89 7.88 12.77
C ALA A 136 3.71 8.76 11.85
N LEU A 137 4.53 8.12 11.02
CA LEU A 137 5.33 8.82 10.03
C LEU A 137 4.75 8.60 8.65
N VAL A 138 4.13 9.64 8.09
CA VAL A 138 3.45 9.57 6.81
C VAL A 138 4.27 10.31 5.74
N ILE A 139 4.70 9.58 4.71
CA ILE A 139 5.61 10.13 3.71
C ILE A 139 5.10 9.92 2.29
N GLY A 140 5.13 10.99 1.51
CA GLY A 140 4.92 10.92 0.08
C GLY A 140 6.26 11.15 -0.61
N ALA A 141 6.75 10.14 -1.32
CA ALA A 141 8.05 10.22 -1.98
C ALA A 141 8.01 9.58 -3.36
N GLU A 142 8.53 10.30 -4.36
CA GLU A 142 8.45 9.85 -5.74
C GLU A 142 9.73 10.16 -6.51
N THR A 143 10.06 9.28 -7.46
CA THR A 143 11.18 9.49 -8.37
C THR A 143 10.67 9.28 -9.80
N PHE A 144 9.66 10.05 -10.17
CA PHE A 144 8.95 9.88 -11.43
C PHE A 144 9.83 10.09 -12.66
N SER A 145 10.99 10.71 -12.48
CA SER A 145 11.87 11.00 -13.60
C SER A 145 12.33 9.70 -14.28
N ARG A 146 12.29 8.61 -13.54
CA ARG A 146 12.78 7.33 -14.04
C ARG A 146 11.69 6.43 -14.65
N ILE A 147 10.45 6.92 -14.69
CA ILE A 147 9.37 6.24 -15.39
C ILE A 147 8.76 7.17 -16.45
N VAL A 148 9.47 8.25 -16.75
CA VAL A 148 9.08 9.18 -17.81
C VAL A 148 9.80 8.85 -19.12
N ASP A 149 9.06 8.95 -20.22
CA ASP A 149 9.66 8.88 -21.54
C ASP A 149 10.15 10.26 -21.94
N TRP A 150 11.46 10.48 -21.88
CA TRP A 150 12.04 11.79 -22.13
C TRP A 150 12.10 12.12 -23.61
N ASN A 151 11.59 11.21 -24.44
CA ASN A 151 11.44 11.47 -25.87
C ASN A 151 9.99 11.78 -26.21
N ASP A 152 9.17 11.98 -25.18
CA ASP A 152 7.78 12.37 -25.33
C ASP A 152 7.57 13.75 -24.69
N ARG A 153 7.56 14.78 -25.51
CA ARG A 153 7.51 16.16 -25.04
C ARG A 153 6.25 16.47 -24.22
N THR A 154 5.17 15.72 -24.48
CA THR A 154 3.89 16.03 -23.87
C THR A 154 3.82 15.65 -22.39
N THR A 155 4.48 14.54 -22.02
CA THR A 155 4.40 14.02 -20.66
C THR A 155 5.66 14.30 -19.83
N CYS A 156 6.82 14.27 -20.47
CA CYS A 156 8.08 14.33 -19.74
C CYS A 156 8.29 15.66 -19.03
N VAL A 157 7.68 16.72 -19.55
CA VAL A 157 7.83 18.05 -18.97
C VAL A 157 6.90 18.27 -17.77
N LEU A 158 6.09 17.27 -17.44
CA LEU A 158 5.03 17.43 -16.45
C LEU A 158 5.42 16.96 -15.05
N PHE A 159 6.37 16.04 -14.98
CA PHE A 159 6.65 15.34 -13.73
C PHE A 159 8.02 15.66 -13.15
N GLY A 160 8.14 15.56 -11.83
CA GLY A 160 9.38 15.79 -11.13
C GLY A 160 9.55 14.87 -9.94
N ASP A 161 10.71 14.96 -9.29
CA ASP A 161 11.03 14.14 -8.12
C ASP A 161 10.98 14.98 -6.85
N GLY A 162 10.73 14.31 -5.72
CA GLY A 162 10.71 14.96 -4.43
C GLY A 162 10.12 14.08 -3.36
N ALA A 163 10.18 14.55 -2.12
CA ALA A 163 9.59 13.83 -1.00
C ALA A 163 9.06 14.81 0.05
N GLY A 164 7.91 14.47 0.62
CA GLY A 164 7.31 15.25 1.68
C GLY A 164 6.87 14.31 2.79
N ALA A 165 7.15 14.68 4.03
CA ALA A 165 6.85 13.83 5.17
C ALA A 165 6.09 14.62 6.23
N VAL A 166 5.26 13.91 6.96
CA VAL A 166 4.49 14.48 8.05
C VAL A 166 4.57 13.54 9.24
N VAL A 167 4.70 14.12 10.43
CA VAL A 167 4.58 13.35 11.66
C VAL A 167 3.17 13.58 12.19
N LEU A 168 2.36 12.53 12.17
CA LEU A 168 0.99 12.58 12.64
C LEU A 168 0.92 11.93 14.01
N SER A 169 0.30 12.60 14.98
CA SER A 169 0.31 12.13 16.36
C SER A 169 -1.07 12.19 17.01
N ALA A 170 -1.28 11.32 17.99
CA ALA A 170 -2.54 11.26 18.72
C ALA A 170 -2.73 12.54 19.53
N ALA A 171 -3.96 13.04 19.57
CA ALA A 171 -4.26 14.30 20.26
C ALA A 171 -5.67 14.31 20.83
N ASP A 172 -5.87 15.13 21.85
CA ASP A 172 -7.19 15.30 22.46
C ASP A 172 -8.12 16.07 21.54
N LYS A 173 -7.57 17.08 20.86
CA LYS A 173 -8.32 17.94 19.96
C LYS A 173 -7.95 17.68 18.52
N PRO A 174 -8.90 17.88 17.60
CA PRO A 174 -8.69 17.46 16.20
C PRO A 174 -7.67 18.28 15.45
N GLY A 175 -6.80 17.56 14.75
CA GLY A 175 -6.05 18.14 13.64
C GLY A 175 -6.88 17.79 12.42
N ILE A 176 -6.99 16.50 12.13
CA ILE A 176 -7.79 16.02 11.02
C ILE A 176 -9.26 15.96 11.41
N ILE A 177 -10.06 16.82 10.81
CA ILE A 177 -11.47 16.97 11.15
C ILE A 177 -12.31 15.95 10.40
N HIS A 178 -12.11 15.88 9.08
CA HIS A 178 -12.89 14.99 8.23
C HIS A 178 -12.12 14.73 6.95
N SER A 179 -12.32 13.53 6.39
CA SER A 179 -11.66 13.17 5.13
C SER A 179 -12.60 12.34 4.28
N LYS A 180 -12.35 12.34 2.97
CA LYS A 180 -13.18 11.60 2.02
C LYS A 180 -12.34 11.09 0.87
N LEU A 181 -12.26 9.77 0.74
CA LEU A 181 -11.49 9.13 -0.32
C LEU A 181 -12.42 8.50 -1.35
N LYS A 182 -11.96 8.47 -2.60
CA LYS A 182 -12.73 7.91 -3.71
C LYS A 182 -11.82 7.24 -4.73
N ALA A 183 -12.41 6.35 -5.51
CA ALA A 183 -11.68 5.69 -6.59
C ALA A 183 -12.64 5.11 -7.62
N ASP A 184 -12.22 5.12 -8.87
CA ASP A 184 -13.01 4.56 -9.96
C ASP A 184 -12.07 4.03 -11.04
N GLY A 185 -11.97 2.71 -11.12
CA GLY A 185 -11.04 2.05 -12.01
C GLY A 185 -11.37 2.17 -13.48
N ASN A 186 -12.50 2.81 -13.80
CA ASN A 186 -12.89 3.01 -15.19
C ASN A 186 -12.00 4.02 -15.92
N TYR A 187 -11.23 4.78 -15.15
CA TYR A 187 -10.38 5.83 -15.71
C TYR A 187 -8.91 5.41 -15.76
N LEU A 188 -8.68 4.10 -15.86
CA LEU A 188 -7.32 3.57 -15.93
C LEU A 188 -6.55 4.11 -17.14
N LYS A 189 -7.21 4.07 -18.27
CA LYS A 189 -6.61 4.43 -19.51
C LYS A 189 -6.14 5.84 -19.64
N LEU A 190 -6.55 6.71 -18.74
CA LEU A 190 -6.26 8.15 -18.82
C LEU A 190 -4.90 8.50 -18.21
N LEU A 191 -4.41 7.66 -17.30
CA LEU A 191 -3.10 7.88 -16.69
C LEU A 191 -2.59 6.57 -16.10
N ASN A 192 -1.49 6.07 -16.64
CA ASN A 192 -0.95 4.80 -16.20
C ASN A 192 0.45 4.51 -16.73
N VAL A 193 1.16 3.63 -16.03
CA VAL A 193 2.39 3.03 -16.51
C VAL A 193 2.11 1.52 -16.67
N PRO A 194 1.83 1.07 -17.90
CA PRO A 194 1.35 -0.30 -18.10
C PRO A 194 2.33 -1.38 -17.64
N GLY A 195 3.62 -1.08 -17.74
CA GLY A 195 4.64 -2.09 -17.54
C GLY A 195 4.69 -2.73 -16.17
N GLN A 196 5.13 -3.98 -16.14
CA GLN A 196 5.40 -4.69 -14.90
C GLN A 196 6.64 -5.56 -15.09
N ILE A 197 7.28 -5.94 -14.00
CA ILE A 197 8.39 -6.88 -14.06
C ILE A 197 7.84 -8.30 -14.08
N ALA A 198 8.06 -9.01 -15.17
CA ALA A 198 7.56 -10.37 -15.32
C ALA A 198 8.51 -11.21 -16.16
N CYS A 199 8.87 -12.38 -15.64
CA CYS A 199 9.70 -13.34 -16.35
C CYS A 199 11.03 -12.76 -16.78
N GLY A 200 11.66 -11.98 -15.89
CA GLY A 200 13.03 -11.53 -16.11
C GLY A 200 13.16 -10.30 -16.99
N LYS A 201 12.04 -9.69 -17.35
CA LYS A 201 12.04 -8.51 -18.20
C LYS A 201 10.87 -7.58 -17.91
N VAL A 202 10.88 -6.41 -18.52
CA VAL A 202 9.74 -5.51 -18.45
C VAL A 202 8.67 -6.01 -19.42
N SER A 203 7.45 -6.17 -18.91
CA SER A 203 6.33 -6.59 -19.75
C SER A 203 5.34 -5.43 -19.88
N GLY A 204 5.29 -4.85 -21.07
CA GLY A 204 4.47 -3.68 -21.31
C GLY A 204 5.33 -2.42 -21.26
N SER A 205 4.69 -1.27 -21.46
CA SER A 205 5.41 0.00 -21.50
C SER A 205 5.93 0.40 -20.12
N PRO A 206 7.23 0.74 -20.03
CA PRO A 206 7.82 1.17 -18.76
C PRO A 206 7.67 2.68 -18.51
N TYR A 207 6.93 3.35 -19.39
CA TYR A 207 6.81 4.80 -19.34
C TYR A 207 5.39 5.27 -19.07
N ILE A 208 5.25 6.50 -18.59
CA ILE A 208 3.93 7.07 -18.29
C ILE A 208 3.15 7.36 -19.57
N SER A 209 1.92 6.88 -19.60
CA SER A 209 0.97 7.21 -20.66
C SER A 209 -0.14 8.05 -20.05
N MET A 210 -0.39 9.21 -20.64
CA MET A 210 -1.38 10.11 -20.13
C MET A 210 -2.29 10.73 -21.17
N ASP A 211 -3.52 11.00 -20.81
CA ASP A 211 -4.48 11.68 -21.64
C ASP A 211 -4.79 13.02 -20.97
N GLY A 212 -4.02 14.04 -21.36
CA GLY A 212 -4.08 15.34 -20.73
C GLY A 212 -5.48 15.94 -20.66
N PRO A 213 -6.13 16.10 -21.82
CA PRO A 213 -7.49 16.65 -21.88
C PRO A 213 -8.47 15.90 -20.97
N GLY A 214 -8.43 14.57 -21.03
CA GLY A 214 -9.32 13.75 -20.23
C GLY A 214 -9.06 13.93 -18.75
N VAL A 215 -7.80 13.83 -18.35
CA VAL A 215 -7.42 14.03 -16.95
C VAL A 215 -7.85 15.42 -16.50
N PHE A 216 -7.67 16.40 -17.37
CA PHE A 216 -8.06 17.78 -17.08
C PHE A 216 -9.58 17.87 -16.90
N LYS A 217 -10.30 17.31 -17.86
CA LYS A 217 -11.76 17.33 -17.87
C LYS A 217 -12.35 16.78 -16.57
N PHE A 218 -11.88 15.62 -16.14
CA PHE A 218 -12.47 14.94 -15.00
C PHE A 218 -11.94 15.47 -13.66
N ALA A 219 -10.69 15.92 -13.64
CA ALA A 219 -10.11 16.45 -12.41
C ALA A 219 -10.90 17.67 -11.93
N VAL A 220 -11.19 18.58 -12.85
CA VAL A 220 -11.96 19.78 -12.52
C VAL A 220 -13.34 19.38 -12.00
N LYS A 221 -13.94 18.40 -12.64
CA LYS A 221 -15.26 17.92 -12.28
C LYS A 221 -15.28 17.23 -10.92
N MET A 222 -14.34 16.32 -10.71
CA MET A 222 -14.29 15.50 -9.50
C MET A 222 -13.86 16.29 -8.27
N LEU A 223 -12.84 17.12 -8.43
CA LEU A 223 -12.22 17.81 -7.30
C LEU A 223 -13.16 18.86 -6.68
N SER A 224 -13.97 19.50 -7.51
CA SER A 224 -14.93 20.48 -7.02
C SER A 224 -16.01 19.80 -6.19
N LYS A 225 -16.47 18.65 -6.67
CA LYS A 225 -17.52 17.89 -6.00
C LYS A 225 -17.06 17.36 -4.65
N ILE A 226 -15.90 16.71 -4.63
CA ILE A 226 -15.39 16.08 -3.42
C ILE A 226 -15.02 17.13 -2.37
N ALA A 227 -14.55 18.28 -2.84
CA ALA A 227 -14.20 19.37 -1.93
C ALA A 227 -15.45 19.86 -1.21
N ASP A 228 -16.51 20.10 -1.97
CA ASP A 228 -17.78 20.54 -1.40
C ASP A 228 -18.31 19.55 -0.38
N ASP A 229 -18.15 18.27 -0.69
CA ASP A 229 -18.67 17.21 0.17
C ASP A 229 -18.00 17.23 1.55
N VAL A 230 -16.67 17.14 1.56
CA VAL A 230 -15.91 17.10 2.81
C VAL A 230 -16.25 18.29 3.70
N ILE A 231 -16.39 19.47 3.08
CA ILE A 231 -16.68 20.69 3.82
C ILE A 231 -18.05 20.65 4.47
N GLU A 232 -19.09 20.42 3.67
CA GLU A 232 -20.46 20.45 4.19
C GLU A 232 -20.71 19.28 5.15
N GLU A 233 -20.07 18.15 4.88
CA GLU A 233 -20.20 16.97 5.75
C GLU A 233 -19.62 17.25 7.12
N ALA A 234 -18.51 17.99 7.17
CA ALA A 234 -17.89 18.35 8.44
C ALA A 234 -18.74 19.42 9.14
N GLY A 235 -19.59 20.09 8.37
CA GLY A 235 -20.47 21.12 8.89
C GLY A 235 -19.90 22.50 8.68
N TYR A 236 -18.85 22.58 7.87
CA TYR A 236 -18.18 23.84 7.57
C TYR A 236 -18.72 24.47 6.28
N THR A 237 -18.24 25.67 5.98
CA THR A 237 -18.44 26.28 4.68
C THR A 237 -17.06 26.62 4.11
N ALA A 238 -17.00 26.90 2.82
CA ALA A 238 -15.73 27.19 2.16
C ALA A 238 -15.07 28.44 2.75
N ALA A 239 -15.87 29.29 3.39
CA ALA A 239 -15.36 30.55 3.92
C ALA A 239 -14.53 30.34 5.19
N GLN A 240 -14.77 29.23 5.89
CA GLN A 240 -14.05 28.93 7.12
C GLN A 240 -12.70 28.30 6.83
N ILE A 241 -12.40 28.07 5.56
CA ILE A 241 -11.14 27.47 5.15
C ILE A 241 -10.08 28.55 4.92
N ASP A 242 -9.01 28.49 5.70
CA ASP A 242 -7.93 29.45 5.60
C ASP A 242 -7.04 29.18 4.38
N TRP A 243 -6.74 27.90 4.15
CA TRP A 243 -5.85 27.50 3.07
C TRP A 243 -6.33 26.27 2.32
N ILE A 244 -6.12 26.26 1.01
CA ILE A 244 -6.23 25.06 0.20
C ILE A 244 -4.82 24.59 -0.14
N VAL A 245 -4.53 23.34 0.17
CA VAL A 245 -3.23 22.73 -0.14
C VAL A 245 -3.45 21.61 -1.14
N PRO A 246 -3.62 21.95 -2.43
CA PRO A 246 -4.02 20.96 -3.44
C PRO A 246 -2.86 20.16 -4.00
N HIS A 247 -3.17 19.10 -4.73
CA HIS A 247 -2.17 18.43 -5.54
C HIS A 247 -1.69 19.39 -6.63
N GLN A 248 -0.37 19.46 -6.82
CA GLN A 248 0.24 20.50 -7.64
C GLN A 248 0.67 20.00 -9.03
N ALA A 249 -0.27 19.40 -9.75
CA ALA A 249 0.03 18.90 -11.09
C ALA A 249 -0.16 19.99 -12.14
N ASN A 250 -1.21 20.79 -11.99
CA ASN A 250 -1.57 21.77 -12.99
C ASN A 250 -2.25 22.98 -12.34
N ARG A 251 -1.69 24.17 -12.58
CA ARG A 251 -2.23 25.37 -11.94
C ARG A 251 -3.60 25.74 -12.49
N ARG A 252 -3.83 25.44 -13.76
CA ARG A 252 -5.12 25.72 -14.40
C ARG A 252 -6.23 24.97 -13.66
N ILE A 253 -5.95 23.72 -13.31
CA ILE A 253 -6.90 22.91 -12.56
C ILE A 253 -7.12 23.51 -11.16
N ILE A 254 -6.04 23.95 -10.54
CA ILE A 254 -6.10 24.52 -9.19
C ILE A 254 -6.88 25.83 -9.20
N GLU A 255 -6.64 26.66 -10.21
CA GLU A 255 -7.36 27.92 -10.35
C GLU A 255 -8.85 27.65 -10.46
N SER A 256 -9.21 26.66 -11.28
CA SER A 256 -10.61 26.33 -11.53
C SER A 256 -11.31 25.86 -10.25
N THR A 257 -10.63 25.03 -9.46
CA THR A 257 -11.21 24.51 -8.23
C THR A 257 -11.39 25.59 -7.17
N ALA A 258 -10.40 26.47 -7.05
CA ALA A 258 -10.43 27.54 -6.07
C ALA A 258 -11.59 28.48 -6.37
N LYS A 259 -11.84 28.71 -7.65
CA LYS A 259 -12.90 29.59 -8.10
C LYS A 259 -14.27 29.02 -7.76
N HIS A 260 -14.38 27.70 -7.84
CA HIS A 260 -15.65 27.02 -7.61
C HIS A 260 -16.06 27.11 -6.14
N LEU A 261 -15.08 26.97 -5.25
CA LEU A 261 -15.33 27.08 -3.82
C LEU A 261 -15.53 28.54 -3.42
N GLY A 262 -15.29 29.45 -4.36
CA GLY A 262 -15.40 30.87 -4.09
C GLY A 262 -14.25 31.36 -3.23
N LEU A 263 -13.07 30.77 -3.45
CA LEU A 263 -11.86 31.15 -2.72
C LEU A 263 -10.86 31.86 -3.63
N SER A 264 -10.15 32.83 -3.06
CA SER A 264 -9.11 33.53 -3.79
C SER A 264 -7.88 32.66 -3.90
N MET A 265 -7.07 32.89 -4.92
CA MET A 265 -5.81 32.19 -5.07
C MET A 265 -4.84 32.59 -3.98
N ASP A 266 -5.17 33.64 -3.24
CA ASP A 266 -4.37 34.09 -2.11
C ASP A 266 -4.55 33.15 -0.92
N LYS A 267 -5.53 32.25 -1.02
CA LYS A 267 -5.78 31.23 -0.01
C LYS A 267 -5.36 29.86 -0.52
N VAL A 268 -4.51 29.84 -1.55
CA VAL A 268 -4.05 28.59 -2.15
C VAL A 268 -2.53 28.52 -2.15
N VAL A 269 -1.99 27.52 -1.45
CA VAL A 269 -0.56 27.26 -1.48
C VAL A 269 -0.18 26.77 -2.89
N LEU A 270 0.87 27.36 -3.45
CA LEU A 270 1.28 27.06 -4.82
C LEU A 270 2.75 26.72 -4.91
N THR A 271 3.04 25.51 -5.36
CA THR A 271 4.42 25.05 -5.53
C THR A 271 4.62 24.37 -6.89
N VAL A 272 3.54 24.29 -7.66
CA VAL A 272 3.57 23.63 -8.96
C VAL A 272 4.65 24.23 -9.87
N GLN A 273 4.84 25.54 -9.75
CA GLN A 273 5.82 26.25 -10.56
C GLN A 273 7.25 25.82 -10.25
N ASP A 274 7.48 25.38 -9.02
CA ASP A 274 8.82 25.04 -8.56
C ASP A 274 9.10 23.53 -8.60
N HIS A 275 8.05 22.74 -8.40
CA HIS A 275 8.19 21.30 -8.24
C HIS A 275 7.71 20.49 -9.44
N GLY A 276 6.62 20.94 -10.07
CA GLY A 276 5.96 20.15 -11.08
C GLY A 276 5.15 19.06 -10.40
N ASN A 277 4.66 18.09 -11.17
CA ASN A 277 3.87 17.01 -10.60
C ASN A 277 4.77 15.94 -9.99
N THR A 278 4.81 15.92 -8.66
CA THR A 278 5.60 14.99 -7.91
C THR A 278 4.75 13.85 -7.36
N SER A 279 3.55 13.69 -7.87
CA SER A 279 2.69 12.61 -7.42
C SER A 279 2.37 12.67 -5.94
N ALA A 280 2.61 11.58 -5.23
CA ALA A 280 2.31 11.50 -3.80
C ALA A 280 3.11 12.48 -2.96
N ALA A 281 4.23 12.96 -3.47
CA ALA A 281 5.05 13.89 -2.69
C ALA A 281 4.55 15.32 -2.80
N SER A 282 3.69 15.58 -3.78
CA SER A 282 3.27 16.94 -4.12
C SER A 282 2.57 17.66 -2.96
N ILE A 283 1.53 17.04 -2.42
CA ILE A 283 0.76 17.66 -1.35
C ILE A 283 1.61 17.90 -0.09
N PRO A 284 2.29 16.85 0.40
CA PRO A 284 3.10 17.11 1.59
C PRO A 284 4.25 18.08 1.33
N LEU A 285 4.69 18.17 0.08
CA LEU A 285 5.69 19.16 -0.31
C LEU A 285 5.13 20.57 -0.14
N ALA A 286 3.93 20.77 -0.68
CA ALA A 286 3.26 22.07 -0.59
C ALA A 286 2.92 22.41 0.85
N LEU A 287 2.46 21.43 1.61
CA LEU A 287 2.11 21.63 3.01
C LEU A 287 3.33 22.12 3.79
N ASP A 288 4.45 21.44 3.59
CA ASP A 288 5.70 21.81 4.26
C ASP A 288 6.17 23.18 3.78
N THR A 289 6.01 23.45 2.48
CA THR A 289 6.43 24.72 1.91
C THR A 289 5.62 25.86 2.53
N GLY A 290 4.31 25.65 2.66
CA GLY A 290 3.43 26.65 3.23
C GLY A 290 3.75 26.91 4.70
N ILE A 291 4.02 25.84 5.43
CA ILE A 291 4.36 25.95 6.86
C ILE A 291 5.70 26.66 7.01
N ARG A 292 6.66 26.31 6.16
CA ARG A 292 8.01 26.85 6.27
C ARG A 292 8.07 28.30 5.81
N SER A 293 7.15 28.68 4.92
CA SER A 293 7.16 30.03 4.37
C SER A 293 6.43 31.02 5.27
N GLY A 294 5.76 30.51 6.29
CA GLY A 294 5.04 31.35 7.24
C GLY A 294 3.58 31.51 6.87
N GLN A 295 3.20 30.99 5.72
CA GLN A 295 1.84 31.12 5.21
C GLN A 295 0.85 30.36 6.09
N ILE A 296 1.16 29.10 6.39
CA ILE A 296 0.26 28.26 7.19
C ILE A 296 0.61 28.43 8.67
N LYS A 297 -0.42 28.72 9.47
CA LYS A 297 -0.26 28.99 10.88
C LYS A 297 -1.05 27.98 11.71
N ARG A 298 -0.63 27.75 12.94
CA ARG A 298 -1.32 26.81 13.80
C ARG A 298 -2.73 27.33 14.10
N GLY A 299 -3.69 26.42 14.17
CA GLY A 299 -5.08 26.80 14.40
C GLY A 299 -5.86 27.06 13.12
N GLN A 300 -5.17 27.14 11.99
CA GLN A 300 -5.84 27.39 10.71
C GLN A 300 -6.43 26.11 10.13
N ASN A 301 -7.50 26.27 9.35
CA ASN A 301 -8.16 25.13 8.70
C ASN A 301 -7.62 24.93 7.29
N LEU A 302 -7.12 23.73 7.02
CA LEU A 302 -6.52 23.39 5.73
C LEU A 302 -7.35 22.36 4.97
N LEU A 303 -7.48 22.57 3.66
CA LEU A 303 -8.17 21.60 2.80
C LEU A 303 -7.17 20.97 1.83
N LEU A 304 -6.73 19.76 2.16
CA LEU A 304 -5.91 18.98 1.26
C LEU A 304 -6.80 18.37 0.18
N GLU A 305 -6.31 18.32 -1.05
CA GLU A 305 -7.12 17.86 -2.17
C GLU A 305 -6.26 17.40 -3.35
N GLY A 306 -6.76 16.44 -4.10
CA GLY A 306 -6.07 16.00 -5.31
C GLY A 306 -6.65 14.76 -5.95
N ILE A 307 -6.30 14.54 -7.20
CA ILE A 307 -6.66 13.33 -7.94
C ILE A 307 -5.41 12.73 -8.57
N GLY A 308 -5.39 11.41 -8.71
CA GLY A 308 -4.26 10.71 -9.28
C GLY A 308 -4.70 9.53 -10.12
N GLY A 309 -3.74 8.83 -10.71
CA GLY A 309 -4.01 7.68 -11.55
C GLY A 309 -4.83 6.61 -10.84
N GLY A 310 -5.79 6.05 -11.57
CA GLY A 310 -6.71 5.06 -11.02
C GLY A 310 -8.02 5.02 -11.78
N PHE A 311 -8.82 6.08 -11.71
CA PHE A 311 -8.52 7.25 -10.89
C PHE A 311 -8.73 6.99 -9.40
N ALA A 312 -7.87 7.61 -8.60
CA ALA A 312 -8.08 7.71 -7.16
C ALA A 312 -7.97 9.17 -6.77
N TRP A 313 -8.86 9.63 -5.92
CA TRP A 313 -8.84 11.01 -5.48
C TRP A 313 -9.44 11.14 -4.08
N GLY A 314 -9.21 12.29 -3.46
CA GLY A 314 -9.69 12.52 -2.12
C GLY A 314 -9.60 13.98 -1.72
N ALA A 315 -10.10 14.27 -0.53
CA ALA A 315 -9.92 15.58 0.08
C ALA A 315 -9.87 15.40 1.60
N VAL A 316 -9.00 16.15 2.25
CA VAL A 316 -8.84 16.05 3.69
C VAL A 316 -8.94 17.43 4.33
N LEU A 317 -9.92 17.58 5.21
CA LEU A 317 -10.10 18.80 5.97
C LEU A 317 -9.42 18.62 7.33
N LEU A 318 -8.55 19.55 7.69
CA LEU A 318 -7.84 19.47 8.96
C LEU A 318 -7.50 20.85 9.51
N GLN A 319 -7.35 20.92 10.83
CA GLN A 319 -6.93 22.14 11.51
C GLN A 319 -5.46 22.01 11.93
N TYR A 320 -4.61 22.86 11.36
CA TYR A 320 -3.19 22.83 11.71
C TYR A 320 -2.96 23.43 13.09
N GLN B 2 -16.82 0.61 17.76
CA GLN B 2 -17.31 -0.39 16.83
C GLN B 2 -16.30 -1.54 16.68
N TYR B 3 -16.72 -2.59 16.01
CA TYR B 3 -15.88 -3.76 15.79
C TYR B 3 -16.01 -4.25 14.35
N ALA B 4 -15.02 -5.03 13.90
CA ALA B 4 -14.98 -5.52 12.52
C ALA B 4 -15.03 -7.05 12.48
N LYS B 5 -15.99 -7.58 11.73
CA LYS B 5 -16.17 -9.02 11.61
C LYS B 5 -16.20 -9.55 10.18
N ILE B 6 -15.71 -10.78 10.03
CA ILE B 6 -15.74 -11.48 8.75
C ILE B 6 -17.17 -11.83 8.38
N SER B 7 -17.69 -11.18 7.34
CA SER B 7 -19.04 -11.39 6.86
C SER B 7 -19.09 -12.55 5.87
N GLY B 8 -18.03 -12.69 5.09
CA GLY B 8 -17.94 -13.76 4.11
C GLY B 8 -16.50 -13.95 3.68
N THR B 9 -16.23 -15.11 3.08
CA THR B 9 -14.88 -15.45 2.64
C THR B 9 -14.91 -16.07 1.25
N GLY B 10 -13.78 -16.01 0.55
CA GLY B 10 -13.67 -16.55 -0.79
C GLY B 10 -12.22 -16.73 -1.18
N SER B 11 -11.97 -17.59 -2.16
CA SER B 11 -10.60 -17.83 -2.61
C SER B 11 -10.56 -18.38 -4.02
N TYR B 12 -9.43 -18.19 -4.69
CA TYR B 12 -9.24 -18.68 -6.05
C TYR B 12 -7.79 -19.14 -6.28
N LEU B 13 -7.64 -20.31 -6.88
CA LEU B 13 -6.34 -20.82 -7.29
C LEU B 13 -6.35 -21.06 -8.80
N PRO B 14 -5.33 -20.57 -9.53
CA PRO B 14 -5.34 -20.79 -10.97
C PRO B 14 -5.34 -22.27 -11.36
N ALA B 15 -5.88 -22.58 -12.53
CA ALA B 15 -6.14 -23.94 -12.95
C ALA B 15 -4.89 -24.82 -13.03
N ASN B 16 -3.77 -24.24 -13.46
CA ASN B 16 -2.55 -25.00 -13.66
C ASN B 16 -1.92 -25.45 -12.34
N ARG B 17 -2.16 -26.70 -12.01
CA ARG B 17 -1.64 -27.32 -10.79
C ARG B 17 -0.31 -28.04 -11.07
N VAL B 18 0.72 -27.65 -10.34
CA VAL B 18 2.09 -28.14 -10.59
C VAL B 18 2.64 -28.93 -9.39
N SER B 19 2.94 -30.20 -9.62
CA SER B 19 3.52 -31.05 -8.58
C SER B 19 5.03 -30.88 -8.51
N ASN B 20 5.65 -31.43 -7.47
CA ASN B 20 7.09 -31.38 -7.31
C ASN B 20 7.83 -32.12 -8.43
N ASP B 21 7.24 -33.22 -8.88
CA ASP B 21 7.85 -34.01 -9.94
C ASP B 21 7.89 -33.23 -11.24
N ASP B 22 6.92 -32.34 -11.42
CA ASP B 22 6.90 -31.46 -12.59
C ASP B 22 8.12 -30.56 -12.59
N LEU B 23 8.44 -30.02 -11.41
CA LEU B 23 9.59 -29.15 -11.27
C LEU B 23 10.89 -29.95 -11.38
N ALA B 24 10.84 -31.23 -11.01
CA ALA B 24 12.02 -32.07 -11.09
C ALA B 24 12.50 -32.22 -12.53
N GLN B 25 11.60 -32.07 -13.49
CA GLN B 25 11.98 -32.07 -14.89
C GLN B 25 12.72 -30.77 -15.24
N LYS B 26 12.16 -29.66 -14.81
CA LYS B 26 12.70 -28.31 -14.98
C LYS B 26 13.96 -28.02 -14.18
N VAL B 27 14.05 -28.50 -12.95
CA VAL B 27 15.21 -28.22 -12.13
C VAL B 27 15.71 -29.40 -11.31
N ASP B 28 16.99 -29.38 -10.97
CA ASP B 28 17.60 -30.49 -10.27
C ASP B 28 17.10 -30.56 -8.83
N THR B 29 15.90 -31.13 -8.66
CA THR B 29 15.29 -31.28 -7.34
C THR B 29 14.53 -32.61 -7.23
N SER B 30 14.00 -32.87 -6.04
CA SER B 30 13.25 -34.09 -5.78
C SER B 30 11.94 -33.79 -5.05
N ASP B 31 10.92 -34.61 -5.28
CA ASP B 31 9.65 -34.47 -4.57
C ASP B 31 9.85 -34.65 -3.07
N GLU B 32 10.63 -35.66 -2.71
CA GLU B 32 10.88 -35.97 -1.31
C GLU B 32 11.68 -34.86 -0.64
N TRP B 33 12.64 -34.30 -1.37
CA TRP B 33 13.49 -33.25 -0.83
C TRP B 33 12.67 -31.99 -0.54
N ILE B 34 11.83 -31.60 -1.50
CA ILE B 34 10.96 -30.44 -1.33
C ILE B 34 9.99 -30.67 -0.17
N THR B 35 9.41 -31.86 -0.12
CA THR B 35 8.47 -32.21 0.94
C THR B 35 9.18 -32.20 2.29
N ALA B 36 10.41 -32.68 2.30
CA ALA B 36 11.21 -32.73 3.52
C ALA B 36 11.54 -31.34 4.03
N ARG B 37 11.86 -30.42 3.12
CA ARG B 37 12.20 -29.05 3.49
C ARG B 37 11.00 -28.23 3.96
N THR B 38 9.90 -28.33 3.23
CA THR B 38 8.81 -27.38 3.34
C THR B 38 7.44 -28.02 3.54
N GLY B 39 7.30 -29.27 3.11
CA GLY B 39 6.02 -29.95 3.17
C GLY B 39 5.14 -29.62 1.99
N ILE B 40 5.72 -28.93 1.00
CA ILE B 40 4.99 -28.54 -0.20
C ILE B 40 4.97 -29.70 -1.19
N LYS B 41 3.80 -29.99 -1.74
CA LYS B 41 3.65 -31.02 -2.77
C LYS B 41 3.12 -30.43 -4.06
N PHE B 42 2.35 -29.35 -3.96
CA PHE B 42 1.74 -28.74 -5.14
C PHE B 42 1.78 -27.21 -5.09
N ARG B 43 1.74 -26.60 -6.27
CA ARG B 43 1.57 -25.15 -6.42
C ARG B 43 0.57 -24.91 -7.53
N HIS B 44 0.09 -23.67 -7.62
CA HIS B 44 -0.75 -23.26 -8.75
C HIS B 44 -0.10 -22.09 -9.46
N ILE B 45 -0.07 -22.16 -10.78
CA ILE B 45 0.54 -21.13 -11.62
C ILE B 45 -0.53 -20.45 -12.47
N ALA B 46 -0.51 -19.12 -12.47
CA ALA B 46 -1.47 -18.34 -13.24
C ALA B 46 -1.34 -18.65 -14.73
N ALA B 47 -2.46 -18.55 -15.45
CA ALA B 47 -2.44 -18.70 -16.90
C ALA B 47 -1.77 -17.48 -17.53
N GLU B 48 -1.47 -17.57 -18.82
CA GLU B 48 -0.73 -16.51 -19.52
C GLU B 48 -1.50 -15.19 -19.51
N ASN B 49 -2.82 -15.26 -19.63
CA ASN B 49 -3.63 -14.06 -19.81
C ASN B 49 -4.12 -13.43 -18.51
N GLU B 50 -4.02 -14.16 -17.41
CA GLU B 50 -4.50 -13.65 -16.13
C GLU B 50 -3.37 -13.11 -15.26
N LYS B 51 -3.67 -12.05 -14.52
CA LYS B 51 -2.72 -11.40 -13.64
C LYS B 51 -3.33 -11.27 -12.25
N THR B 52 -2.65 -10.58 -11.35
CA THR B 52 -3.08 -10.50 -9.95
C THR B 52 -4.51 -9.99 -9.80
N SER B 53 -4.89 -9.02 -10.64
CA SER B 53 -6.22 -8.45 -10.59
C SER B 53 -7.29 -9.50 -10.89
N ASP B 54 -6.99 -10.41 -11.80
CA ASP B 54 -7.92 -11.46 -12.19
C ASP B 54 -8.14 -12.47 -11.06
N LEU B 55 -7.03 -12.94 -10.48
CA LEU B 55 -7.09 -13.83 -9.34
C LEU B 55 -7.83 -13.17 -8.18
N ALA B 56 -7.50 -11.89 -7.94
CA ALA B 56 -8.07 -11.13 -6.85
C ALA B 56 -9.57 -10.92 -7.05
N ALA B 57 -9.97 -10.60 -8.28
CA ALA B 57 -11.36 -10.31 -8.58
C ALA B 57 -12.22 -11.54 -8.33
N GLU B 58 -11.75 -12.69 -8.77
CA GLU B 58 -12.50 -13.93 -8.61
C GLU B 58 -12.66 -14.31 -7.14
N ALA B 59 -11.59 -14.17 -6.37
CA ALA B 59 -11.63 -14.45 -4.94
C ALA B 59 -12.64 -13.54 -4.26
N ALA B 60 -12.69 -12.28 -4.70
CA ALA B 60 -13.56 -11.29 -4.11
C ALA B 60 -15.03 -11.56 -4.42
N ARG B 61 -15.32 -11.98 -5.65
CA ARG B 61 -16.68 -12.33 -6.03
C ARG B 61 -17.21 -13.45 -5.14
N ARG B 62 -16.37 -14.43 -4.88
CA ARG B 62 -16.74 -15.56 -4.04
C ARG B 62 -16.91 -15.11 -2.59
N ALA B 63 -16.11 -14.14 -2.17
CA ALA B 63 -16.22 -13.58 -0.84
C ALA B 63 -17.47 -12.74 -0.71
N LEU B 64 -17.82 -12.03 -1.78
CA LEU B 64 -19.02 -11.21 -1.81
C LEU B 64 -20.27 -12.08 -1.72
N ASP B 65 -20.26 -13.18 -2.45
CA ASP B 65 -21.38 -14.12 -2.42
C ASP B 65 -21.54 -14.75 -1.03
N ALA B 66 -20.42 -15.09 -0.41
CA ALA B 66 -20.45 -15.74 0.91
C ALA B 66 -21.01 -14.82 1.99
N ALA B 67 -20.94 -13.51 1.74
CA ALA B 67 -21.43 -12.52 2.69
C ALA B 67 -22.82 -12.03 2.32
N GLY B 68 -23.36 -12.55 1.22
CA GLY B 68 -24.66 -12.14 0.73
C GLY B 68 -24.72 -10.65 0.44
N LEU B 69 -23.62 -10.13 -0.08
CA LEU B 69 -23.49 -8.69 -0.37
C LEU B 69 -23.40 -8.43 -1.86
N ASP B 70 -24.01 -7.34 -2.30
CA ASP B 70 -23.85 -6.85 -3.66
C ASP B 70 -22.54 -6.07 -3.70
N SER B 71 -21.93 -6.01 -4.89
CA SER B 71 -20.66 -5.31 -5.06
C SER B 71 -20.81 -3.84 -4.68
N GLY B 72 -21.97 -3.28 -4.98
CA GLY B 72 -22.25 -1.87 -4.72
C GLY B 72 -22.31 -1.52 -3.25
N GLU B 73 -22.34 -2.54 -2.39
CA GLU B 73 -22.38 -2.34 -0.94
C GLU B 73 -20.98 -2.09 -0.37
N ILE B 74 -19.95 -2.37 -1.15
CA ILE B 74 -18.57 -2.20 -0.71
C ILE B 74 -18.17 -0.73 -0.71
N ASP B 75 -17.67 -0.26 0.43
CA ASP B 75 -17.20 1.11 0.57
C ASP B 75 -15.72 1.18 0.93
N LEU B 76 -15.02 0.07 0.75
CA LEU B 76 -13.56 0.04 0.93
C LEU B 76 -12.96 -1.21 0.30
N ILE B 77 -11.92 -1.02 -0.49
CA ILE B 77 -11.20 -2.12 -1.12
C ILE B 77 -9.71 -1.97 -0.86
N ILE B 78 -9.11 -2.99 -0.24
CA ILE B 78 -7.66 -2.99 -0.02
C ILE B 78 -7.07 -4.30 -0.55
N VAL B 79 -6.12 -4.18 -1.46
CA VAL B 79 -5.43 -5.33 -2.03
C VAL B 79 -3.99 -5.40 -1.52
N ALA B 80 -3.63 -6.52 -0.91
CA ALA B 80 -2.24 -6.77 -0.53
C ALA B 80 -1.55 -7.62 -1.60
N THR B 81 -0.52 -7.06 -2.21
CA THR B 81 0.20 -7.76 -3.26
C THR B 81 1.64 -7.26 -3.42
N ALA B 82 2.53 -8.17 -3.80
CA ALA B 82 3.91 -7.84 -4.13
C ALA B 82 4.15 -8.00 -5.63
N THR B 83 3.07 -8.23 -6.37
CA THR B 83 3.14 -8.41 -7.81
C THR B 83 1.96 -7.74 -8.50
N PRO B 84 1.89 -6.40 -8.43
CA PRO B 84 0.79 -5.66 -9.04
C PRO B 84 0.75 -5.78 -10.56
N ASP B 85 -0.43 -5.59 -11.14
CA ASP B 85 -0.59 -5.62 -12.59
C ASP B 85 0.34 -4.63 -13.28
N MET B 86 0.46 -3.45 -12.73
CA MET B 86 1.23 -2.37 -13.28
C MET B 86 2.04 -1.56 -12.31
N GLN B 87 3.00 -0.81 -12.83
CA GLN B 87 3.76 0.14 -12.02
C GLN B 87 2.75 1.02 -11.28
N PHE B 88 1.79 1.55 -12.03
CA PHE B 88 0.59 2.17 -11.47
C PHE B 88 -0.47 2.30 -12.58
N PRO B 89 -1.74 2.50 -12.21
CA PRO B 89 -2.29 2.67 -10.85
C PRO B 89 -2.41 1.38 -10.05
N SER B 90 -3.02 1.48 -8.87
CA SER B 90 -3.12 0.36 -7.94
C SER B 90 -3.91 -0.81 -8.54
N THR B 91 -3.52 -2.02 -8.17
CA THR B 91 -4.24 -3.23 -8.58
C THR B 91 -5.66 -3.21 -8.01
N ALA B 92 -5.83 -2.57 -6.85
CA ALA B 92 -7.13 -2.47 -6.20
C ALA B 92 -8.16 -1.77 -7.08
N THR B 93 -7.75 -0.69 -7.75
CA THR B 93 -8.65 0.04 -8.65
C THR B 93 -9.01 -0.82 -9.86
N ILE B 94 -8.03 -1.60 -10.33
CA ILE B 94 -8.26 -2.51 -11.45
C ILE B 94 -9.27 -3.57 -11.02
N VAL B 95 -9.09 -4.11 -9.81
CA VAL B 95 -10.03 -5.07 -9.26
C VAL B 95 -11.42 -4.44 -9.11
N GLN B 96 -11.43 -3.21 -8.60
CA GLN B 96 -12.67 -2.46 -8.43
C GLN B 96 -13.42 -2.39 -9.75
N GLN B 97 -12.69 -2.07 -10.81
CA GLN B 97 -13.25 -1.94 -12.14
C GLN B 97 -13.80 -3.28 -12.62
N LYS B 98 -13.03 -4.34 -12.38
CA LYS B 98 -13.41 -5.67 -12.85
C LYS B 98 -14.60 -6.23 -12.08
N LEU B 99 -14.78 -5.77 -10.84
CA LEU B 99 -15.94 -6.16 -10.05
C LEU B 99 -17.18 -5.35 -10.43
N GLY B 100 -16.99 -4.34 -11.28
CA GLY B 100 -18.09 -3.48 -11.69
C GLY B 100 -18.58 -2.55 -10.60
N ILE B 101 -17.71 -2.22 -9.67
CA ILE B 101 -18.06 -1.29 -8.59
C ILE B 101 -17.82 0.14 -9.06
N THR B 102 -18.91 0.90 -9.21
CA THR B 102 -18.84 2.27 -9.69
C THR B 102 -19.39 3.26 -8.68
N ASN B 103 -19.51 2.82 -7.42
CA ASN B 103 -20.01 3.69 -6.36
C ASN B 103 -18.92 4.64 -5.85
N GLY B 104 -17.74 4.57 -6.44
CA GLY B 104 -16.65 5.48 -6.11
C GLY B 104 -15.94 5.19 -4.79
N CYS B 105 -16.03 3.95 -4.30
CA CYS B 105 -15.42 3.62 -3.01
C CYS B 105 -13.90 3.69 -3.09
N PRO B 106 -13.24 4.02 -1.97
CA PRO B 106 -11.77 4.06 -1.95
C PRO B 106 -11.15 2.71 -2.26
N ALA B 107 -10.05 2.71 -3.00
CA ALA B 107 -9.35 1.49 -3.35
C ALA B 107 -7.85 1.75 -3.45
N PHE B 108 -7.05 0.91 -2.79
CA PHE B 108 -5.60 1.06 -2.83
C PHE B 108 -4.88 -0.23 -2.47
N ASP B 109 -3.62 -0.32 -2.88
CA ASP B 109 -2.79 -1.48 -2.57
C ASP B 109 -1.95 -1.26 -1.33
N VAL B 110 -1.67 -2.34 -0.62
CA VAL B 110 -0.70 -2.34 0.48
C VAL B 110 0.44 -3.30 0.16
N GLN B 111 1.66 -2.89 0.48
CA GLN B 111 2.81 -3.72 0.26
C GLN B 111 3.49 -4.12 1.56
N ALA B 112 3.28 -5.36 1.96
CA ALA B 112 3.91 -5.94 3.13
C ALA B 112 4.37 -7.35 2.83
N VAL B 113 4.40 -7.70 1.55
CA VAL B 113 4.77 -9.01 1.07
C VAL B 113 3.93 -10.12 1.68
N CSD B 114 4.58 -11.13 2.22
CA CSD B 114 3.90 -12.28 2.79
CB CSD B 114 4.93 -13.33 3.23
SG CSD B 114 6.15 -13.55 2.07
C CSD B 114 3.00 -11.90 3.93
O CSD B 114 2.04 -12.63 4.20
OD1 CSD B 114 5.54 -14.14 0.89
OD2 CSD B 114 6.88 -14.93 2.62
HA CSD B 114 3.29 -12.74 2.01
HB2 CSD B 114 4.42 -14.28 3.40
HB3 CSD B 114 5.38 -13.02 4.17
HD2 CSD B 114 7.65 -15.29 2.17
N ALA B 115 3.28 -10.81 4.61
CA ALA B 115 2.46 -10.38 5.72
C ALA B 115 1.40 -9.39 5.28
N GLY B 116 1.24 -9.26 3.97
CA GLY B 116 0.32 -8.29 3.38
C GLY B 116 -1.11 -8.35 3.83
N PHE B 117 -1.66 -9.55 3.98
CA PHE B 117 -3.07 -9.69 4.32
C PHE B 117 -3.35 -9.22 5.74
N MET B 118 -2.46 -9.54 6.66
CA MET B 118 -2.62 -9.10 8.05
C MET B 118 -2.49 -7.59 8.16
N TYR B 119 -1.62 -7.01 7.34
CA TYR B 119 -1.46 -5.56 7.31
C TYR B 119 -2.72 -4.91 6.76
N ALA B 120 -3.28 -5.52 5.72
CA ALA B 120 -4.49 -4.99 5.08
C ALA B 120 -5.71 -5.22 5.97
N LEU B 121 -5.75 -6.38 6.61
CA LEU B 121 -6.86 -6.71 7.50
C LEU B 121 -6.88 -5.76 8.69
N THR B 122 -5.70 -5.52 9.25
CA THR B 122 -5.54 -4.60 10.36
C THR B 122 -5.90 -3.18 9.91
N THR B 123 -5.53 -2.85 8.68
CA THR B 123 -5.83 -1.55 8.11
C THR B 123 -7.33 -1.38 7.95
N ALA B 124 -7.97 -2.38 7.36
CA ALA B 124 -9.42 -2.35 7.16
C ALA B 124 -10.12 -2.27 8.50
N ASN B 125 -9.58 -3.00 9.47
CA ASN B 125 -10.11 -2.99 10.83
C ASN B 125 -10.08 -1.59 11.44
N ALA B 126 -8.99 -0.87 11.19
CA ALA B 126 -8.84 0.49 11.69
C ALA B 126 -9.89 1.42 11.07
N TYR B 127 -10.14 1.25 9.77
CA TYR B 127 -11.15 2.03 9.07
C TYR B 127 -12.54 1.78 9.65
N ILE B 128 -12.85 0.52 9.93
CA ILE B 128 -14.17 0.15 10.42
C ILE B 128 -14.42 0.65 11.84
N LYS B 129 -13.41 0.55 12.70
CA LYS B 129 -13.56 0.98 14.10
C LYS B 129 -13.73 2.49 14.22
N SER B 130 -13.08 3.23 13.33
CA SER B 130 -13.16 4.68 13.34
C SER B 130 -14.35 5.19 12.54
N GLY B 131 -15.19 4.26 12.07
CA GLY B 131 -16.42 4.61 11.39
C GLY B 131 -16.21 5.14 9.99
N MET B 132 -15.04 4.92 9.42
CA MET B 132 -14.73 5.40 8.07
C MET B 132 -15.22 4.43 7.00
N ALA B 133 -15.63 3.23 7.41
CA ALA B 133 -16.12 2.22 6.48
C ALA B 133 -17.02 1.20 7.19
N LYS B 134 -17.93 0.60 6.44
CA LYS B 134 -18.87 -0.37 6.99
C LYS B 134 -18.72 -1.78 6.39
N ASN B 135 -18.37 -1.84 5.11
CA ASN B 135 -18.15 -3.12 4.43
C ASN B 135 -16.89 -3.08 3.57
N ALA B 136 -15.80 -3.63 4.11
CA ALA B 136 -14.51 -3.59 3.42
C ALA B 136 -14.20 -4.91 2.74
N LEU B 137 -13.56 -4.81 1.57
CA LEU B 137 -13.12 -5.96 0.81
C LEU B 137 -11.61 -6.08 0.91
N VAL B 138 -11.14 -7.08 1.67
CA VAL B 138 -9.73 -7.27 1.94
C VAL B 138 -9.21 -8.46 1.14
N ILE B 139 -8.25 -8.20 0.26
CA ILE B 139 -7.76 -9.22 -0.67
C ILE B 139 -6.25 -9.37 -0.63
N GLY B 140 -5.80 -10.61 -0.53
CA GLY B 140 -4.41 -10.96 -0.74
C GLY B 140 -4.31 -11.74 -2.05
N ALA B 141 -3.61 -11.18 -3.03
CA ALA B 141 -3.51 -11.81 -4.35
C ALA B 141 -2.09 -11.67 -4.90
N GLU B 142 -1.55 -12.79 -5.39
CA GLU B 142 -0.17 -12.83 -5.84
C GLU B 142 0.02 -13.68 -7.10
N THR B 143 0.97 -13.27 -7.94
CA THR B 143 1.37 -14.03 -9.12
C THR B 143 2.89 -14.17 -9.10
N PHE B 144 3.40 -14.75 -8.01
CA PHE B 144 4.82 -14.83 -7.75
C PHE B 144 5.58 -15.64 -8.79
N SER B 145 4.84 -16.42 -9.58
CA SER B 145 5.45 -17.28 -10.60
C SER B 145 6.21 -16.44 -11.63
N ARG B 146 5.85 -15.17 -11.73
CA ARG B 146 6.42 -14.28 -12.73
C ARG B 146 7.60 -13.47 -12.19
N ILE B 147 7.95 -13.69 -10.91
CA ILE B 147 9.16 -13.13 -10.33
C ILE B 147 10.04 -14.23 -9.72
N VAL B 148 9.75 -15.48 -10.08
CA VAL B 148 10.58 -16.61 -9.67
C VAL B 148 11.58 -16.96 -10.77
N ASP B 149 12.82 -17.24 -10.38
CA ASP B 149 13.81 -17.78 -11.30
C ASP B 149 13.66 -19.30 -11.32
N TRP B 150 13.07 -19.82 -12.39
CA TRP B 150 12.75 -21.24 -12.47
C TRP B 150 13.99 -22.09 -12.78
N ASN B 151 15.16 -21.45 -12.86
CA ASN B 151 16.43 -22.16 -12.97
C ASN B 151 17.18 -22.17 -11.64
N ASP B 152 16.48 -21.79 -10.57
CA ASP B 152 17.03 -21.80 -9.22
C ASP B 152 16.25 -22.77 -8.32
N ARG B 153 16.81 -23.96 -8.12
CA ARG B 153 16.11 -25.03 -7.40
C ARG B 153 15.76 -24.64 -5.97
N THR B 154 16.54 -23.74 -5.38
CA THR B 154 16.38 -23.40 -3.98
C THR B 154 15.13 -22.57 -3.70
N THR B 155 14.78 -21.68 -4.64
CA THR B 155 13.67 -20.75 -4.45
C THR B 155 12.42 -21.10 -5.25
N CYS B 156 12.60 -21.63 -6.45
CA CYS B 156 11.48 -21.82 -7.38
C CYS B 156 10.46 -22.85 -6.88
N VAL B 157 10.90 -23.79 -6.06
CA VAL B 157 10.01 -24.83 -5.55
C VAL B 157 9.16 -24.35 -4.37
N LEU B 158 9.38 -23.10 -3.95
CA LEU B 158 8.78 -22.59 -2.72
C LEU B 158 7.49 -21.81 -2.92
N PHE B 159 7.32 -21.21 -4.10
CA PHE B 159 6.27 -20.22 -4.31
C PHE B 159 5.20 -20.67 -5.29
N GLY B 160 4.00 -20.14 -5.11
CA GLY B 160 2.88 -20.42 -6.00
C GLY B 160 2.01 -19.19 -6.17
N ASP B 161 0.99 -19.30 -7.02
CA ASP B 161 0.06 -18.21 -7.26
C ASP B 161 -1.29 -18.50 -6.63
N GLY B 162 -2.03 -17.44 -6.31
CA GLY B 162 -3.36 -17.58 -5.75
C GLY B 162 -3.89 -16.26 -5.21
N ALA B 163 -5.16 -16.28 -4.79
CA ALA B 163 -5.78 -15.10 -4.19
C ALA B 163 -6.80 -15.52 -3.13
N GLY B 164 -6.84 -14.78 -2.04
CA GLY B 164 -7.79 -15.02 -0.97
C GLY B 164 -8.44 -13.71 -0.57
N ALA B 165 -9.75 -13.73 -0.36
CA ALA B 165 -10.50 -12.52 -0.04
C ALA B 165 -11.39 -12.69 1.18
N VAL B 166 -11.60 -11.59 1.88
CA VAL B 166 -12.49 -11.54 3.04
C VAL B 166 -13.33 -10.28 2.98
N VAL B 167 -14.60 -10.39 3.36
CA VAL B 167 -15.44 -9.23 3.55
C VAL B 167 -15.50 -8.90 5.04
N LEU B 168 -14.91 -7.77 5.40
CA LEU B 168 -14.87 -7.33 6.79
C LEU B 168 -15.89 -6.23 6.99
N SER B 169 -16.74 -6.39 8.01
CA SER B 169 -17.87 -5.47 8.20
C SER B 169 -18.06 -5.02 9.64
N ALA B 170 -18.67 -3.85 9.81
CA ALA B 170 -18.94 -3.30 11.14
C ALA B 170 -19.93 -4.19 11.88
N ALA B 171 -19.68 -4.40 13.17
CA ALA B 171 -20.51 -5.29 13.98
C ALA B 171 -20.55 -4.84 15.44
N ASP B 172 -21.59 -5.27 16.15
CA ASP B 172 -21.73 -4.96 17.57
C ASP B 172 -20.72 -5.71 18.43
N LYS B 173 -20.47 -6.97 18.08
CA LYS B 173 -19.55 -7.82 18.84
C LYS B 173 -18.26 -8.07 18.05
N PRO B 174 -17.13 -8.22 18.77
CA PRO B 174 -15.85 -8.29 18.07
C PRO B 174 -15.66 -9.55 17.23
N GLY B 175 -15.19 -9.36 16.02
CA GLY B 175 -14.57 -10.42 15.26
C GLY B 175 -13.09 -10.31 15.52
N ILE B 176 -12.50 -9.21 15.05
CA ILE B 176 -11.09 -8.93 15.28
C ILE B 176 -10.93 -8.37 16.68
N ILE B 177 -10.31 -9.16 17.55
CA ILE B 177 -10.18 -8.82 18.95
C ILE B 177 -8.96 -7.92 19.16
N HIS B 178 -7.83 -8.37 18.62
CA HIS B 178 -6.57 -7.67 18.78
C HIS B 178 -5.61 -8.06 17.67
N SER B 179 -4.72 -7.14 17.31
CA SER B 179 -3.71 -7.41 16.30
C SER B 179 -2.41 -6.72 16.66
N LYS B 180 -1.31 -7.22 16.11
CA LYS B 180 0.00 -6.66 16.37
C LYS B 180 0.86 -6.83 15.13
N LEU B 181 1.23 -5.70 14.53
CA LEU B 181 2.07 -5.70 13.34
C LEU B 181 3.45 -5.20 13.70
N LYS B 182 4.46 -5.72 12.99
CA LYS B 182 5.85 -5.38 13.28
C LYS B 182 6.63 -5.34 11.97
N ALA B 183 7.75 -4.63 11.97
CA ALA B 183 8.61 -4.58 10.79
C ALA B 183 10.03 -4.16 11.18
N ASP B 184 11.01 -4.68 10.45
CA ASP B 184 12.41 -4.34 10.68
C ASP B 184 13.18 -4.44 9.37
N GLY B 185 13.54 -3.29 8.80
CA GLY B 185 14.18 -3.23 7.50
C GLY B 185 15.60 -3.75 7.47
N ASN B 186 16.12 -4.14 8.64
CA ASN B 186 17.47 -4.69 8.72
C ASN B 186 17.57 -6.09 8.11
N TYR B 187 16.43 -6.72 7.88
CA TYR B 187 16.40 -8.09 7.35
C TYR B 187 16.05 -8.10 5.87
N LEU B 188 16.37 -6.99 5.18
CA LEU B 188 16.12 -6.85 3.75
C LEU B 188 16.84 -7.94 2.95
N LYS B 189 18.11 -8.16 3.27
CA LYS B 189 18.98 -9.02 2.49
C LYS B 189 18.57 -10.49 2.53
N LEU B 190 17.64 -10.83 3.43
CA LEU B 190 17.22 -12.21 3.62
C LEU B 190 16.10 -12.63 2.66
N LEU B 191 15.34 -11.65 2.17
CA LEU B 191 14.24 -11.92 1.23
C LEU B 191 13.86 -10.66 0.46
N ASN B 192 14.08 -10.68 -0.86
CA ASN B 192 13.79 -9.52 -1.69
C ASN B 192 13.84 -9.79 -3.18
N VAL B 193 13.14 -8.94 -3.94
CA VAL B 193 13.29 -8.85 -5.38
C VAL B 193 13.85 -7.46 -5.69
N PRO B 194 15.18 -7.35 -5.88
CA PRO B 194 15.83 -6.03 -5.96
C PRO B 194 15.35 -5.15 -7.11
N GLY B 195 14.97 -5.78 -8.22
CA GLY B 195 14.73 -5.06 -9.46
C GLY B 195 13.62 -4.01 -9.41
N GLN B 196 13.78 -2.98 -10.23
CA GLN B 196 12.75 -1.96 -10.41
C GLN B 196 12.70 -1.53 -11.86
N ILE B 197 11.57 -0.97 -12.27
CA ILE B 197 11.45 -0.38 -13.59
C ILE B 197 12.01 1.03 -13.55
N ALA B 198 13.10 1.25 -14.29
CA ALA B 198 13.76 2.54 -14.32
C ALA B 198 14.40 2.80 -15.69
N CYS B 199 14.10 3.97 -16.25
CA CYS B 199 14.70 4.40 -17.52
C CYS B 199 14.46 3.39 -18.63
N GLY B 200 13.25 2.83 -18.67
CA GLY B 200 12.81 2.00 -19.76
C GLY B 200 13.21 0.54 -19.71
N LYS B 201 13.84 0.10 -18.61
CA LYS B 201 14.26 -1.28 -18.48
C LYS B 201 14.25 -1.72 -17.03
N VAL B 202 14.52 -3.00 -16.79
CA VAL B 202 14.68 -3.51 -15.43
C VAL B 202 16.05 -3.10 -14.89
N SER B 203 16.04 -2.49 -13.70
CA SER B 203 17.27 -2.11 -13.02
C SER B 203 17.43 -2.96 -11.77
N GLY B 204 18.39 -3.88 -11.80
CA GLY B 204 18.61 -4.83 -10.72
C GLY B 204 18.00 -6.18 -11.05
N SER B 205 18.13 -7.14 -10.13
CA SER B 205 17.65 -8.50 -10.37
C SER B 205 16.12 -8.54 -10.37
N PRO B 206 15.53 -9.16 -11.40
CA PRO B 206 14.07 -9.26 -11.48
C PRO B 206 13.49 -10.49 -10.76
N TYR B 207 14.33 -11.25 -10.07
CA TYR B 207 13.91 -12.50 -9.44
C TYR B 207 14.06 -12.46 -7.92
N ILE B 208 13.33 -13.36 -7.25
CA ILE B 208 13.39 -13.44 -5.79
C ILE B 208 14.73 -14.00 -5.33
N SER B 209 15.34 -13.28 -4.39
CA SER B 209 16.54 -13.73 -3.71
C SER B 209 16.19 -14.05 -2.27
N MET B 210 16.55 -15.24 -1.80
CA MET B 210 16.16 -15.68 -0.46
C MET B 210 17.28 -16.37 0.30
N ASP B 211 17.29 -16.17 1.61
CA ASP B 211 18.22 -16.84 2.52
C ASP B 211 17.42 -17.78 3.42
N GLY B 212 17.27 -19.04 2.96
CA GLY B 212 16.42 -20.00 3.63
C GLY B 212 16.69 -20.18 5.11
N PRO B 213 17.93 -20.56 5.46
CA PRO B 213 18.30 -20.75 6.86
C PRO B 213 18.00 -19.52 7.72
N GLY B 214 18.36 -18.34 7.22
CA GLY B 214 18.13 -17.10 7.95
C GLY B 214 16.66 -16.82 8.17
N VAL B 215 15.87 -16.88 7.10
CA VAL B 215 14.43 -16.67 7.20
C VAL B 215 13.83 -17.69 8.15
N PHE B 216 14.28 -18.93 8.06
CA PHE B 216 13.79 -20.00 8.93
C PHE B 216 14.15 -19.69 10.39
N LYS B 217 15.42 -19.35 10.60
CA LYS B 217 15.95 -19.04 11.92
C LYS B 217 15.11 -17.96 12.63
N PHE B 218 14.86 -16.86 11.93
CA PHE B 218 14.22 -15.71 12.55
C PHE B 218 12.71 -15.84 12.61
N ALA B 219 12.12 -16.54 11.63
CA ALA B 219 10.68 -16.73 11.58
C ALA B 219 10.16 -17.48 12.81
N VAL B 220 10.83 -18.58 13.14
CA VAL B 220 10.43 -19.38 14.30
C VAL B 220 10.51 -18.55 15.58
N LYS B 221 11.60 -17.81 15.71
CA LYS B 221 11.84 -17.00 16.90
C LYS B 221 10.84 -15.83 16.95
N MET B 222 10.66 -15.16 15.83
CA MET B 222 9.79 -13.98 15.77
C MET B 222 8.31 -14.34 15.89
N LEU B 223 7.88 -15.40 15.22
CA LEU B 223 6.47 -15.76 15.19
C LEU B 223 5.97 -16.27 16.53
N SER B 224 6.83 -16.95 17.28
CA SER B 224 6.46 -17.42 18.61
C SER B 224 6.27 -16.22 19.54
N LYS B 225 7.17 -15.26 19.41
CA LYS B 225 7.13 -14.05 20.22
C LYS B 225 5.87 -13.23 19.93
N ILE B 226 5.62 -12.96 18.66
CA ILE B 226 4.49 -12.13 18.27
C ILE B 226 3.19 -12.84 18.59
N ALA B 227 3.19 -14.17 18.46
CA ALA B 227 2.00 -14.93 18.78
C ALA B 227 1.69 -14.78 20.26
N ASP B 228 2.68 -15.01 21.12
CA ASP B 228 2.50 -14.89 22.56
C ASP B 228 2.02 -13.48 22.95
N ASP B 229 2.56 -12.47 22.28
CA ASP B 229 2.23 -11.08 22.59
C ASP B 229 0.75 -10.77 22.37
N VAL B 230 0.26 -11.03 21.16
CA VAL B 230 -1.13 -10.73 20.82
C VAL B 230 -2.10 -11.39 21.81
N ILE B 231 -1.77 -12.60 22.25
CA ILE B 231 -2.62 -13.34 23.17
C ILE B 231 -2.71 -12.65 24.51
N GLU B 232 -1.54 -12.42 25.08
CA GLU B 232 -1.44 -11.86 26.42
C GLU B 232 -1.95 -10.42 26.46
N GLU B 233 -1.71 -9.69 25.39
CA GLU B 233 -2.19 -8.32 25.29
C GLU B 233 -3.71 -8.27 25.22
N ALA B 234 -4.30 -9.20 24.49
CA ALA B 234 -5.75 -9.28 24.37
C ALA B 234 -6.42 -9.80 25.64
N GLY B 235 -5.64 -10.48 26.47
CA GLY B 235 -6.13 -11.01 27.74
C GLY B 235 -6.55 -12.47 27.66
N TYR B 236 -6.21 -13.13 26.56
CA TYR B 236 -6.52 -14.53 26.36
C TYR B 236 -5.36 -15.41 26.78
N THR B 237 -5.54 -16.72 26.69
CA THR B 237 -4.45 -17.68 26.84
C THR B 237 -4.37 -18.53 25.58
N ALA B 238 -3.25 -19.22 25.40
CA ALA B 238 -3.06 -20.07 24.22
C ALA B 238 -4.10 -21.19 24.19
N ALA B 239 -4.64 -21.52 25.36
CA ALA B 239 -5.60 -22.62 25.48
C ALA B 239 -6.98 -22.24 24.95
N GLN B 240 -7.26 -20.93 24.91
CA GLN B 240 -8.55 -20.44 24.46
C GLN B 240 -8.63 -20.33 22.93
N ILE B 241 -7.54 -20.69 22.24
CA ILE B 241 -7.50 -20.63 20.79
C ILE B 241 -8.00 -21.92 20.14
N ASP B 242 -9.07 -21.79 19.36
CA ASP B 242 -9.64 -22.92 18.65
C ASP B 242 -8.79 -23.29 17.43
N TRP B 243 -8.35 -22.27 16.69
CA TRP B 243 -7.59 -22.49 15.45
C TRP B 243 -6.42 -21.53 15.27
N ILE B 244 -5.33 -22.05 14.73
CA ILE B 244 -4.26 -21.21 14.20
C ILE B 244 -4.37 -21.24 12.68
N VAL B 245 -4.44 -20.06 12.07
CA VAL B 245 -4.49 -19.95 10.62
C VAL B 245 -3.22 -19.23 10.14
N PRO B 246 -2.11 -19.98 10.05
CA PRO B 246 -0.81 -19.35 9.79
C PRO B 246 -0.53 -19.09 8.32
N HIS B 247 0.52 -18.31 8.07
CA HIS B 247 1.09 -18.20 6.73
C HIS B 247 1.65 -19.56 6.34
N GLN B 248 1.36 -19.99 5.11
CA GLN B 248 1.64 -21.36 4.68
C GLN B 248 2.91 -21.47 3.82
N ALA B 249 4.02 -20.96 4.32
CA ALA B 249 5.29 -21.02 3.58
C ALA B 249 6.06 -22.32 3.84
N ASN B 250 6.08 -22.77 5.08
CA ASN B 250 6.87 -23.92 5.49
C ASN B 250 6.21 -24.65 6.65
N ARG B 251 5.98 -25.95 6.48
CA ARG B 251 5.28 -26.72 7.49
C ARG B 251 6.14 -26.90 8.75
N ARG B 252 7.46 -26.95 8.58
CA ARG B 252 8.36 -27.08 9.73
C ARG B 252 8.22 -25.88 10.67
N ILE B 253 8.13 -24.69 10.09
CA ILE B 253 7.97 -23.47 10.87
C ILE B 253 6.62 -23.46 11.59
N ILE B 254 5.57 -23.90 10.90
CA ILE B 254 4.24 -23.94 11.49
C ILE B 254 4.21 -24.94 12.64
N GLU B 255 4.84 -26.09 12.42
CA GLU B 255 4.95 -27.12 13.46
C GLU B 255 5.65 -26.56 14.69
N SER B 256 6.77 -25.87 14.46
CA SER B 256 7.57 -25.31 15.54
C SER B 256 6.77 -24.28 16.32
N THR B 257 6.02 -23.47 15.59
CA THR B 257 5.20 -22.42 16.21
C THR B 257 4.08 -23.02 17.03
N ALA B 258 3.46 -24.07 16.50
CA ALA B 258 2.35 -24.73 17.18
C ALA B 258 2.82 -25.39 18.47
N LYS B 259 4.01 -25.99 18.42
CA LYS B 259 4.56 -26.67 19.58
C LYS B 259 4.92 -25.66 20.66
N HIS B 260 5.33 -24.46 20.25
CA HIS B 260 5.67 -23.41 21.20
C HIS B 260 4.44 -22.92 21.95
N LEU B 261 3.32 -22.77 21.22
CA LEU B 261 2.08 -22.35 21.85
C LEU B 261 1.44 -23.48 22.65
N GLY B 262 1.99 -24.69 22.51
CA GLY B 262 1.45 -25.84 23.19
C GLY B 262 0.14 -26.27 22.57
N LEU B 263 0.05 -26.11 21.25
CA LEU B 263 -1.14 -26.50 20.50
C LEU B 263 -0.85 -27.68 19.59
N SER B 264 -1.83 -28.56 19.43
CA SER B 264 -1.74 -29.70 18.53
C SER B 264 -1.90 -29.27 17.08
N MET B 265 -1.34 -30.05 16.16
CA MET B 265 -1.51 -29.82 14.74
C MET B 265 -2.96 -30.03 14.33
N ASP B 266 -3.76 -30.61 15.21
CA ASP B 266 -5.18 -30.81 14.96
C ASP B 266 -5.98 -29.52 15.08
N LYS B 267 -5.36 -28.49 15.64
CA LYS B 267 -6.00 -27.17 15.75
C LYS B 267 -5.34 -26.16 14.81
N VAL B 268 -4.67 -26.66 13.78
CA VAL B 268 -4.00 -25.80 12.81
C VAL B 268 -4.49 -26.11 11.40
N VAL B 269 -5.12 -25.12 10.76
CA VAL B 269 -5.52 -25.26 9.38
C VAL B 269 -4.26 -25.33 8.53
N LEU B 270 -4.19 -26.33 7.67
CA LEU B 270 -2.97 -26.59 6.90
C LEU B 270 -3.27 -26.74 5.41
N THR B 271 -2.67 -25.86 4.62
CA THR B 271 -2.86 -25.87 3.17
C THR B 271 -1.54 -25.73 2.41
N VAL B 272 -0.43 -25.61 3.15
CA VAL B 272 0.89 -25.41 2.55
C VAL B 272 1.23 -26.50 1.53
N GLN B 273 0.77 -27.72 1.80
CA GLN B 273 1.08 -28.85 0.92
C GLN B 273 0.42 -28.69 -0.45
N ASP B 274 -0.70 -27.98 -0.48
CA ASP B 274 -1.49 -27.84 -1.71
C ASP B 274 -1.24 -26.52 -2.43
N HIS B 275 -0.91 -25.48 -1.65
CA HIS B 275 -0.83 -24.13 -2.18
C HIS B 275 0.61 -23.63 -2.34
N GLY B 276 1.47 -24.02 -1.41
CA GLY B 276 2.81 -23.46 -1.34
C GLY B 276 2.74 -22.07 -0.76
N ASN B 277 3.85 -21.33 -0.85
CA ASN B 277 3.89 -19.96 -0.37
C ASN B 277 3.30 -19.00 -1.41
N THR B 278 2.10 -18.51 -1.13
CA THR B 278 1.43 -17.55 -2.02
C THR B 278 1.46 -16.15 -1.43
N SER B 279 2.44 -15.87 -0.59
CA SER B 279 2.62 -14.54 -0.05
C SER B 279 1.37 -14.01 0.67
N ALA B 280 0.86 -12.87 0.26
CA ALA B 280 -0.31 -12.28 0.87
C ALA B 280 -1.57 -13.11 0.67
N ALA B 281 -1.59 -14.00 -0.30
CA ALA B 281 -2.78 -14.82 -0.54
C ALA B 281 -2.86 -16.02 0.40
N SER B 282 -1.74 -16.36 1.03
CA SER B 282 -1.61 -17.59 1.81
C SER B 282 -2.60 -17.70 2.97
N ILE B 283 -2.62 -16.67 3.83
CA ILE B 283 -3.48 -16.70 5.01
C ILE B 283 -4.97 -16.76 4.65
N PRO B 284 -5.44 -15.85 3.78
CA PRO B 284 -6.87 -15.91 3.44
C PRO B 284 -7.25 -17.18 2.67
N LEU B 285 -6.28 -17.80 2.01
CA LEU B 285 -6.51 -19.08 1.35
C LEU B 285 -6.85 -20.16 2.38
N ALA B 286 -6.02 -20.25 3.42
CA ALA B 286 -6.24 -21.23 4.48
C ALA B 286 -7.53 -20.93 5.23
N LEU B 287 -7.78 -19.65 5.50
CA LEU B 287 -8.98 -19.23 6.22
C LEU B 287 -10.25 -19.65 5.49
N ASP B 288 -10.30 -19.36 4.19
CA ASP B 288 -11.46 -19.72 3.38
C ASP B 288 -11.62 -21.23 3.33
N THR B 289 -10.50 -21.94 3.21
CA THR B 289 -10.50 -23.39 3.14
C THR B 289 -11.01 -24.01 4.44
N GLY B 290 -10.55 -23.48 5.57
CA GLY B 290 -10.93 -23.99 6.87
C GLY B 290 -12.41 -23.82 7.16
N ILE B 291 -12.95 -22.67 6.78
CA ILE B 291 -14.37 -22.39 6.98
C ILE B 291 -15.22 -23.28 6.10
N ARG B 292 -14.80 -23.43 4.85
CA ARG B 292 -15.58 -24.17 3.86
C ARG B 292 -15.48 -25.69 4.04
N SER B 293 -14.40 -26.16 4.64
CA SER B 293 -14.19 -27.59 4.81
C SER B 293 -14.90 -28.16 6.04
N GLY B 294 -15.47 -27.28 6.86
CA GLY B 294 -16.17 -27.69 8.05
C GLY B 294 -15.36 -27.59 9.35
N GLN B 295 -14.08 -27.25 9.22
CA GLN B 295 -13.21 -27.16 10.39
C GLN B 295 -13.56 -25.97 11.31
N ILE B 296 -13.66 -24.79 10.72
CA ILE B 296 -13.88 -23.57 11.50
C ILE B 296 -15.36 -23.26 11.70
N LYS B 297 -15.74 -23.02 12.94
CA LYS B 297 -17.12 -22.74 13.32
C LYS B 297 -17.20 -21.36 13.98
N ARG B 298 -18.35 -20.70 13.87
CA ARG B 298 -18.51 -19.36 14.44
C ARG B 298 -18.46 -19.41 15.97
N GLY B 299 -17.91 -18.34 16.54
CA GLY B 299 -17.70 -18.25 17.99
C GLY B 299 -16.32 -18.73 18.37
N GLN B 300 -15.64 -19.38 17.44
CA GLN B 300 -14.29 -19.88 17.69
C GLN B 300 -13.25 -18.77 17.56
N ASN B 301 -12.15 -18.92 18.30
CA ASN B 301 -11.06 -17.95 18.26
C ASN B 301 -9.99 -18.38 17.28
N LEU B 302 -9.66 -17.50 16.34
CA LEU B 302 -8.66 -17.79 15.31
C LEU B 302 -7.44 -16.92 15.51
N LEU B 303 -6.26 -17.51 15.35
CA LEU B 303 -5.01 -16.77 15.42
C LEU B 303 -4.33 -16.73 14.05
N LEU B 304 -4.50 -15.62 13.33
CA LEU B 304 -3.78 -15.39 12.09
C LEU B 304 -2.35 -14.96 12.41
N GLU B 305 -1.39 -15.46 11.63
CA GLU B 305 0.03 -15.23 11.94
C GLU B 305 0.89 -15.44 10.69
N GLY B 306 2.02 -14.73 10.62
CA GLY B 306 2.96 -14.91 9.53
C GLY B 306 4.08 -13.90 9.49
N ILE B 307 5.13 -14.22 8.71
CA ILE B 307 6.25 -13.32 8.48
C ILE B 307 6.49 -13.22 6.98
N GLY B 308 6.97 -12.06 6.53
CA GLY B 308 7.23 -11.83 5.12
C GLY B 308 8.43 -10.95 4.85
N GLY B 309 8.73 -10.74 3.58
CA GLY B 309 9.84 -9.90 3.17
C GLY B 309 9.75 -8.51 3.75
N GLY B 310 10.89 -7.99 4.21
CA GLY B 310 10.96 -6.69 4.86
C GLY B 310 12.13 -6.58 5.82
N PHE B 311 12.11 -7.32 6.93
CA PHE B 311 10.99 -8.17 7.31
C PHE B 311 9.79 -7.38 7.80
N ALA B 312 8.60 -7.87 7.47
CA ALA B 312 7.38 -7.42 8.09
C ALA B 312 6.62 -8.65 8.58
N TRP B 313 6.08 -8.59 9.79
CA TRP B 313 5.35 -9.71 10.35
C TRP B 313 4.29 -9.26 11.34
N GLY B 314 3.39 -10.17 11.67
CA GLY B 314 2.31 -9.85 12.58
C GLY B 314 1.52 -11.06 13.04
N ALA B 315 0.57 -10.82 13.92
CA ALA B 315 -0.37 -11.83 14.34
C ALA B 315 -1.72 -11.16 14.62
N VAL B 316 -2.80 -11.82 14.24
CA VAL B 316 -4.15 -11.27 14.43
C VAL B 316 -5.03 -12.27 15.15
N LEU B 317 -5.52 -11.88 16.32
CA LEU B 317 -6.45 -12.68 17.08
C LEU B 317 -7.88 -12.24 16.77
N LEU B 318 -8.73 -13.18 16.40
CA LEU B 318 -10.11 -12.85 16.09
C LEU B 318 -11.07 -13.98 16.41
N GLN B 319 -12.33 -13.63 16.65
CA GLN B 319 -13.38 -14.61 16.88
C GLN B 319 -14.27 -14.74 15.66
N TYR B 320 -14.27 -15.92 15.04
CA TYR B 320 -15.14 -16.18 13.89
C TYR B 320 -16.57 -16.39 14.38
C1 GOL C . -21.48 -11.06 -6.78
O1 GOL C . -20.12 -11.16 -7.16
C2 GOL C . -22.12 -9.87 -7.48
O2 GOL C . -21.37 -9.53 -8.63
C3 GOL C . -22.17 -8.68 -6.54
O3 GOL C . -22.81 -7.60 -7.17
H2 GOL C . -23.13 -10.14 -7.78
HO2 GOL C . -21.79 -8.77 -9.08
H31 GOL C . -21.16 -8.38 -6.26
H32 GOL C . -22.72 -8.95 -5.63
HO3 GOL C . -23.79 -7.66 -7.02
C1 GOL D . -13.00 -14.31 27.32
O1 GOL D . -12.60 -15.63 27.01
C2 GOL D . -11.86 -13.57 28.00
O2 GOL D . -10.69 -14.35 27.99
C3 GOL D . -11.61 -12.26 27.27
O3 GOL D . -10.92 -11.36 28.10
H2 GOL D . -12.16 -13.35 29.03
HO2 GOL D . -10.43 -14.54 27.06
H31 GOL D . -12.56 -11.81 26.97
H32 GOL D . -11.02 -12.45 26.37
HO3 GOL D . -10.71 -10.54 27.60
#